data_7LM0
#
_entry.id   7LM0
#
_cell.length_a   59.531
_cell.length_b   156.753
_cell.length_c   63.893
_cell.angle_alpha   90.000
_cell.angle_beta   115.200
_cell.angle_gamma   90.000
#
_symmetry.space_group_name_H-M   'P 1 21 1'
#
loop_
_entity.id
_entity.type
_entity.pdbx_description
1 polymer "C-6' aminotransferase"
2 non-polymer DI(HYDROXYETHYL)ETHER
3 non-polymer "PYRIDOXAL-5'-PHOSPHATE"
4 water water
#
_entity_poly.entity_id   1
_entity_poly.type   'polypeptide(L)'
_entity_poly.pdbx_seq_one_letter_code
;DSANLTNRGLVERARRVTAAENYDIGTRFSAMIQSGEGAWLTDVEGNRYVDLTASSGTIILGHRNQAVTEAITRQIRDFG
TAFASTLSVPRVELAERLCERYECAEKVVFHKTGSEGTAMAARLARAATGRELILSCGYHGWHEWQLAGETFGYQQTTGV
VGFGYNEKALAKMLEAFGNEVAGVLISPELLYFDVEFYQRMYALCARYDVPFMMDEVYTGFRAGPKGVHGLGVPADVVVV
SKGLANGHSLAAVMGRRDIIDAYDVSGIQGTYTREVPPMAAAMAVLDVLDTPGVYEHAEAMGRRLADGMREILTGEGIPN
WVGGPALMFDTVLPNDDLGWEIYKTAHDFGVYFEDSGTQLVTTAFDEAAVDHALTAFRKATRQVIADRPDIAPTSGGELT
EERKLDFAEEAFGGLLRDDERTNALIDETIEKVVNRDRSIKPVLIPAQN
;
_entity_poly.pdbx_strand_id   A,B
#
# COMPACT_ATOMS: atom_id res chain seq x y z
N ASP A 1 -25.00 -15.85 -7.43
CA ASP A 1 -24.81 -15.79 -5.99
C ASP A 1 -25.77 -14.83 -5.31
N SER A 2 -26.96 -14.64 -5.88
CA SER A 2 -27.91 -13.68 -5.33
C SER A 2 -28.78 -14.25 -4.22
N ALA A 3 -28.68 -15.55 -3.92
CA ALA A 3 -29.50 -16.19 -2.88
C ALA A 3 -28.96 -17.59 -2.62
N ASN A 4 -29.37 -18.16 -1.49
CA ASN A 4 -29.16 -19.58 -1.20
C ASN A 4 -27.68 -19.94 -1.09
N LEU A 5 -26.85 -19.04 -0.59
CA LEU A 5 -25.44 -19.31 -0.35
C LEU A 5 -25.23 -19.89 1.05
N THR A 6 -24.18 -20.69 1.20
CA THR A 6 -23.81 -21.25 2.49
C THR A 6 -22.39 -20.83 2.84
N ASN A 7 -22.14 -20.68 4.15
CA ASN A 7 -20.80 -20.39 4.62
C ASN A 7 -19.81 -21.44 4.14
N ARG A 8 -20.12 -22.71 4.36
CA ARG A 8 -19.19 -23.78 4.00
C ARG A 8 -18.98 -23.86 2.49
N GLY A 9 -20.04 -23.63 1.71
CA GLY A 9 -19.92 -23.65 0.27
C GLY A 9 -18.96 -22.58 -0.24
N LEU A 10 -19.07 -21.35 0.27
CA LEU A 10 -18.14 -20.34 -0.25
C LEU A 10 -16.74 -20.45 0.32
N VAL A 11 -16.59 -20.89 1.58
CA VAL A 11 -15.26 -21.16 2.11
C VAL A 11 -14.54 -22.19 1.23
N GLU A 12 -15.18 -23.33 0.96
CA GLU A 12 -14.58 -24.31 0.06
C GLU A 12 -14.25 -23.67 -1.28
N ARG A 13 -15.11 -22.78 -1.74
CA ARG A 13 -14.93 -22.30 -3.09
C ARG A 13 -13.71 -21.36 -3.07
N ALA A 14 -13.52 -20.66 -1.95
CA ALA A 14 -12.40 -19.75 -1.74
C ALA A 14 -11.08 -20.51 -1.55
N ARG A 15 -11.13 -21.68 -0.92
CA ARG A 15 -9.93 -22.51 -0.78
C ARG A 15 -9.32 -22.84 -2.14
N ARG A 16 -10.15 -22.99 -3.18
CA ARG A 16 -9.64 -23.39 -4.49
C ARG A 16 -8.86 -22.28 -5.18
N VAL A 17 -9.17 -21.02 -4.88
CA VAL A 17 -8.68 -19.93 -5.73
C VAL A 17 -7.98 -18.82 -4.97
N THR A 18 -8.14 -18.67 -3.65
CA THR A 18 -7.63 -17.45 -3.05
C THR A 18 -7.33 -17.52 -1.55
N ALA A 19 -7.92 -18.46 -0.82
CA ALA A 19 -7.85 -18.44 0.64
C ALA A 19 -6.49 -18.91 1.14
N ALA A 20 -5.79 -18.02 1.85
CA ALA A 20 -4.64 -18.43 2.67
C ALA A 20 -5.17 -19.14 3.92
N GLU A 21 -4.83 -20.43 4.08
CA GLU A 21 -5.54 -21.28 5.03
C GLU A 21 -5.59 -20.66 6.43
N ASN A 22 -4.45 -20.20 6.94
CA ASN A 22 -4.44 -19.68 8.29
C ASN A 22 -4.94 -18.24 8.33
N TYR A 23 -4.45 -17.38 7.43
CA TYR A 23 -4.81 -15.97 7.50
C TYR A 23 -6.27 -15.75 7.15
N ASP A 24 -6.80 -16.48 6.16
CA ASP A 24 -8.17 -16.26 5.70
C ASP A 24 -9.21 -17.14 6.39
N ILE A 25 -8.85 -18.33 6.87
CA ILE A 25 -9.86 -19.22 7.43
C ILE A 25 -9.61 -19.54 8.89
N GLY A 26 -8.50 -20.24 9.18
CA GLY A 26 -8.31 -20.78 10.52
C GLY A 26 -8.39 -19.75 11.62
N THR A 27 -8.09 -18.49 11.29
CA THR A 27 -7.98 -17.43 12.28
C THR A 27 -9.21 -16.52 12.31
N ARG A 28 -10.24 -16.77 11.48
CA ARG A 28 -11.24 -15.75 11.17
C ARG A 28 -12.65 -16.03 11.66
N PHE A 29 -12.97 -17.26 12.07
CA PHE A 29 -14.26 -17.70 12.66
C PHE A 29 -15.16 -18.45 11.68
N SER A 30 -14.81 -18.48 10.41
CA SER A 30 -15.33 -19.44 9.42
C SER A 30 -16.77 -19.18 8.93
N ALA A 31 -17.50 -18.21 9.47
CA ALA A 31 -18.62 -17.69 8.69
C ALA A 31 -18.09 -16.72 7.65
N MET A 32 -18.89 -16.47 6.61
CA MET A 32 -18.47 -15.50 5.62
C MET A 32 -19.51 -14.39 5.57
N ILE A 33 -19.05 -13.16 5.82
CA ILE A 33 -19.95 -12.03 6.03
C ILE A 33 -20.40 -11.49 4.68
N GLN A 34 -21.70 -11.24 4.56
CA GLN A 34 -22.29 -10.66 3.36
C GLN A 34 -22.61 -9.18 3.49
N SER A 35 -23.04 -8.73 4.68
CA SER A 35 -23.31 -7.31 4.87
C SER A 35 -23.04 -6.93 6.32
N GLY A 36 -22.98 -5.61 6.55
CA GLY A 36 -22.92 -5.07 7.89
C GLY A 36 -23.80 -3.84 7.97
N GLU A 37 -24.24 -3.54 9.18
CA GLU A 37 -25.05 -2.35 9.40
C GLU A 37 -24.91 -1.95 10.86
N GLY A 38 -24.29 -0.79 11.09
CA GLY A 38 -24.11 -0.31 12.44
C GLY A 38 -23.19 -1.26 13.16
N ALA A 39 -23.67 -1.77 14.30
CA ALA A 39 -22.89 -2.67 15.15
C ALA A 39 -23.01 -4.13 14.75
N TRP A 40 -23.72 -4.46 13.67
CA TRP A 40 -24.11 -5.83 13.39
C TRP A 40 -23.58 -6.30 12.05
N LEU A 41 -23.28 -7.59 11.96
CA LEU A 41 -22.90 -8.29 10.73
C LEU A 41 -23.96 -9.33 10.38
N THR A 42 -24.09 -9.61 9.09
CA THR A 42 -24.95 -10.69 8.61
C THR A 42 -24.12 -11.58 7.70
N ASP A 43 -24.10 -12.90 7.97
CA ASP A 43 -23.34 -13.79 7.10
C ASP A 43 -24.24 -14.22 5.93
N VAL A 44 -23.68 -15.00 4.98
CA VAL A 44 -24.44 -15.36 3.77
C VAL A 44 -25.64 -16.25 4.05
N GLU A 45 -25.77 -16.82 5.24
CA GLU A 45 -26.93 -17.61 5.59
C GLU A 45 -27.95 -16.84 6.41
N GLY A 46 -27.72 -15.54 6.66
CA GLY A 46 -28.64 -14.73 7.41
C GLY A 46 -28.39 -14.62 8.90
N ASN A 47 -27.40 -15.35 9.44
CA ASN A 47 -27.08 -15.23 10.86
C ASN A 47 -26.55 -13.84 11.17
N ARG A 48 -27.00 -13.26 12.27
CA ARG A 48 -26.58 -11.92 12.67
CA ARG A 48 -26.58 -11.92 12.67
C ARG A 48 -25.63 -12.00 13.86
N TYR A 49 -24.67 -11.07 13.90
CA TYR A 49 -23.69 -11.03 14.98
C TYR A 49 -23.38 -9.59 15.36
N VAL A 50 -23.17 -9.36 16.65
CA VAL A 50 -22.58 -8.10 17.10
C VAL A 50 -21.09 -8.15 16.80
N ASP A 51 -20.57 -7.06 16.28
CA ASP A 51 -19.20 -6.99 15.79
C ASP A 51 -18.36 -6.17 16.75
N LEU A 52 -17.39 -6.82 17.40
CA LEU A 52 -16.40 -6.13 18.21
C LEU A 52 -15.01 -6.14 17.55
N THR A 53 -14.91 -6.58 16.28
CA THR A 53 -13.62 -6.60 15.59
C THR A 53 -13.29 -5.30 14.89
N ALA A 54 -14.31 -4.49 14.56
CA ALA A 54 -14.14 -3.30 13.73
C ALA A 54 -13.35 -3.59 12.44
N SER A 55 -13.43 -4.81 11.94
CA SER A 55 -12.65 -5.24 10.76
C SER A 55 -11.16 -4.96 10.94
N SER A 56 -10.64 -5.51 12.04
CA SER A 56 -9.27 -5.32 12.49
C SER A 56 -8.98 -3.86 12.82
N GLY A 57 -10.02 -3.08 13.12
CA GLY A 57 -9.82 -1.72 13.58
C GLY A 57 -10.04 -0.63 12.55
N THR A 58 -10.25 -0.97 11.28
CA THR A 58 -10.38 0.07 10.27
C THR A 58 -11.72 0.81 10.37
N ILE A 59 -12.71 0.24 11.04
CA ILE A 59 -14.03 0.88 11.16
C ILE A 59 -14.10 1.59 12.50
N ILE A 60 -14.56 2.85 12.50
CA ILE A 60 -14.72 3.61 13.74
C ILE A 60 -16.19 3.98 13.95
N LEU A 61 -16.94 4.20 12.87
CA LEU A 61 -18.32 4.67 12.97
C LEU A 61 -19.36 3.54 13.00
N GLY A 62 -18.99 2.34 12.58
CA GLY A 62 -19.96 1.30 12.31
C GLY A 62 -20.10 1.07 10.81
N HIS A 63 -20.72 -0.06 10.47
CA HIS A 63 -20.84 -0.42 9.07
C HIS A 63 -21.90 0.44 8.38
N ARG A 64 -21.59 0.85 7.13
CA ARG A 64 -22.54 1.61 6.30
C ARG A 64 -23.10 2.83 7.05
N ASN A 65 -22.20 3.58 7.68
CA ASN A 65 -22.55 4.94 8.09
C ASN A 65 -22.98 5.76 6.88
N GLN A 66 -24.11 6.42 6.98
CA GLN A 66 -24.72 7.03 5.79
C GLN A 66 -23.99 8.31 5.35
N ALA A 67 -23.48 9.10 6.30
CA ALA A 67 -22.68 10.27 5.93
C ALA A 67 -21.46 9.85 5.11
N VAL A 68 -20.77 8.81 5.53
CA VAL A 68 -19.59 8.35 4.80
C VAL A 68 -20.00 7.81 3.43
N THR A 69 -21.07 7.02 3.38
CA THR A 69 -21.50 6.43 2.11
C THR A 69 -21.92 7.50 1.12
N GLU A 70 -22.67 8.50 1.57
CA GLU A 70 -23.06 9.60 0.69
C GLU A 70 -21.85 10.36 0.14
N ALA A 71 -20.89 10.68 1.01
CA ALA A 71 -19.75 11.49 0.59
C ALA A 71 -18.88 10.74 -0.41
N ILE A 72 -18.67 9.44 -0.19
CA ILE A 72 -17.98 8.59 -1.15
C ILE A 72 -18.77 8.53 -2.46
N THR A 73 -20.10 8.39 -2.38
CA THR A 73 -20.89 8.14 -3.59
C THR A 73 -20.94 9.39 -4.45
N ARG A 74 -21.19 10.54 -3.83
CA ARG A 74 -21.21 11.80 -4.58
C ARG A 74 -19.91 12.02 -5.34
N GLN A 75 -18.76 11.76 -4.70
CA GLN A 75 -17.49 11.99 -5.37
C GLN A 75 -17.35 11.08 -6.59
N ILE A 76 -17.61 9.78 -6.38
CA ILE A 76 -17.49 8.78 -7.45
C ILE A 76 -18.45 9.10 -8.60
N ARG A 77 -19.73 9.35 -8.28
CA ARG A 77 -20.77 9.42 -9.30
C ARG A 77 -20.77 10.77 -10.00
N ASP A 78 -20.51 11.86 -9.28
CA ASP A 78 -20.68 13.19 -9.84
C ASP A 78 -19.38 13.90 -10.18
N PHE A 79 -18.23 13.37 -9.79
CA PHE A 79 -17.00 14.08 -10.12
C PHE A 79 -15.95 13.14 -10.71
N GLY A 80 -15.52 12.16 -9.93
CA GLY A 80 -14.59 11.16 -10.43
C GLY A 80 -13.74 10.64 -9.30
N THR A 81 -12.79 9.76 -9.66
CA THR A 81 -12.01 8.97 -8.70
C THR A 81 -10.53 9.32 -8.67
N ALA A 82 -9.91 9.53 -9.83
CA ALA A 82 -8.47 9.77 -9.92
C ALA A 82 -8.18 10.61 -11.15
N PHE A 83 -7.47 11.72 -10.97
CA PHE A 83 -7.29 12.71 -12.02
C PHE A 83 -5.82 12.87 -12.38
N ALA A 84 -5.59 13.54 -13.52
CA ALA A 84 -4.23 13.85 -13.95
C ALA A 84 -3.51 14.70 -12.91
N SER A 85 -4.22 15.59 -12.23
CA SER A 85 -3.64 16.30 -11.09
C SER A 85 -3.66 15.38 -9.87
N THR A 86 -2.53 15.30 -9.16
CA THR A 86 -2.51 14.57 -7.90
C THR A 86 -3.19 15.37 -6.79
N LEU A 87 -3.22 16.69 -6.94
CA LEU A 87 -4.04 17.53 -6.08
C LEU A 87 -5.48 17.47 -6.54
N SER A 88 -6.39 17.63 -5.58
CA SER A 88 -7.83 17.68 -5.86
C SER A 88 -8.42 18.59 -4.81
N VAL A 89 -9.63 19.11 -5.07
CA VAL A 89 -10.32 19.93 -4.06
C VAL A 89 -10.54 19.15 -2.78
N PRO A 90 -11.06 17.90 -2.78
CA PRO A 90 -11.23 17.19 -1.50
C PRO A 90 -9.92 16.92 -0.78
N ARG A 91 -8.82 16.68 -1.52
CA ARG A 91 -7.53 16.50 -0.85
C ARG A 91 -7.10 17.78 -0.14
N VAL A 92 -7.25 18.93 -0.81
CA VAL A 92 -6.88 20.20 -0.17
C VAL A 92 -7.76 20.44 1.05
N GLU A 93 -9.07 20.22 0.90
CA GLU A 93 -9.98 20.48 2.03
C GLU A 93 -9.66 19.57 3.21
N LEU A 94 -9.38 18.30 2.95
CA LEU A 94 -9.07 17.38 4.04
C LEU A 94 -7.75 17.76 4.71
N ALA A 95 -6.73 18.11 3.92
CA ALA A 95 -5.44 18.49 4.50
C ALA A 95 -5.58 19.75 5.36
N GLU A 96 -6.41 20.70 4.92
CA GLU A 96 -6.67 21.89 5.72
C GLU A 96 -7.40 21.52 7.01
N ARG A 97 -8.42 20.68 6.90
CA ARG A 97 -9.11 20.15 8.08
C ARG A 97 -8.14 19.49 9.05
N LEU A 98 -7.25 18.64 8.54
CA LEU A 98 -6.35 17.91 9.43
C LEU A 98 -5.37 18.85 10.10
N CYS A 99 -4.82 19.80 9.33
CA CYS A 99 -3.88 20.79 9.89
C CYS A 99 -4.55 21.66 10.96
N GLU A 100 -5.82 22.03 10.78
CA GLU A 100 -6.50 22.77 11.83
C GLU A 100 -6.77 21.91 13.07
N ARG A 101 -6.89 20.59 12.89
CA ARG A 101 -7.32 19.70 13.95
C ARG A 101 -6.17 19.21 14.85
N TYR A 102 -4.93 19.22 14.36
CA TYR A 102 -3.79 18.65 15.07
C TYR A 102 -2.64 19.65 15.16
N GLU A 103 -2.15 19.90 16.38
CA GLU A 103 -1.01 20.81 16.53
C GLU A 103 0.26 20.27 15.87
N CYS A 104 0.40 18.94 15.77
CA CYS A 104 1.58 18.40 15.08
C CYS A 104 1.48 18.53 13.56
N ALA A 105 0.29 18.84 13.04
CA ALA A 105 0.08 18.79 11.59
C ALA A 105 0.30 20.19 11.01
N GLU A 106 1.48 20.42 10.44
CA GLU A 106 1.73 21.62 9.64
C GLU A 106 1.54 21.34 8.16
N LYS A 107 1.75 20.10 7.74
CA LYS A 107 1.57 19.61 6.38
C LYS A 107 1.18 18.14 6.47
N VAL A 108 0.37 17.68 5.51
CA VAL A 108 -0.10 16.30 5.50
C VAL A 108 0.01 15.73 4.09
N VAL A 109 0.52 14.50 3.99
CA VAL A 109 0.49 13.76 2.73
C VAL A 109 -0.18 12.41 2.97
N PHE A 110 -0.61 11.76 1.87
CA PHE A 110 -1.55 10.64 1.99
C PHE A 110 -1.03 9.37 1.31
N HIS A 111 -1.48 8.23 1.81
CA HIS A 111 -1.22 7.01 1.09
C HIS A 111 -2.41 6.08 1.30
N LYS A 112 -2.24 4.80 0.91
CA LYS A 112 -3.32 3.80 0.93
C LYS A 112 -3.34 2.92 2.19
N THR A 113 -2.19 2.58 2.75
CA THR A 113 -2.15 1.64 3.86
C THR A 113 -1.28 2.19 4.98
N GLY A 114 -1.54 1.67 6.18
CA GLY A 114 -0.65 1.93 7.30
C GLY A 114 0.78 1.49 7.07
N SER A 115 0.98 0.33 6.43
CA SER A 115 2.36 -0.12 6.17
C SER A 115 3.09 0.87 5.27
N GLU A 116 2.41 1.41 4.27
CA GLU A 116 3.06 2.41 3.44
C GLU A 116 3.21 3.74 4.18
N GLY A 117 2.24 4.09 5.03
CA GLY A 117 2.34 5.33 5.81
C GLY A 117 3.51 5.33 6.77
N THR A 118 3.74 4.22 7.48
CA THR A 118 4.87 4.21 8.40
C THR A 118 6.19 4.12 7.64
N ALA A 119 6.20 3.43 6.49
CA ALA A 119 7.38 3.50 5.63
C ALA A 119 7.64 4.94 5.18
N MET A 120 6.58 5.69 4.83
CA MET A 120 6.77 7.10 4.48
C MET A 120 7.38 7.87 5.64
N ALA A 121 6.93 7.60 6.86
CA ALA A 121 7.46 8.29 8.04
C ALA A 121 8.96 8.08 8.17
N ALA A 122 9.42 6.83 8.02
CA ALA A 122 10.86 6.57 8.12
C ALA A 122 11.62 7.23 6.98
N ARG A 123 11.10 7.11 5.75
CA ARG A 123 11.75 7.75 4.60
C ARG A 123 11.87 9.26 4.78
N LEU A 124 10.80 9.90 5.26
CA LEU A 124 10.82 11.34 5.44
C LEU A 124 11.84 11.75 6.50
N ALA A 125 11.81 11.08 7.66
CA ALA A 125 12.77 11.34 8.73
C ALA A 125 14.22 11.20 8.24
N ARG A 126 14.50 10.16 7.45
CA ARG A 126 15.87 9.96 6.96
C ARG A 126 16.27 11.07 6.01
N ALA A 127 15.39 11.39 5.05
CA ALA A 127 15.74 12.40 4.07
C ALA A 127 15.82 13.78 4.70
N ALA A 128 14.95 14.05 5.68
CA ALA A 128 14.96 15.37 6.33
C ALA A 128 16.22 15.55 7.17
N THR A 129 16.60 14.54 7.96
CA THR A 129 17.72 14.69 8.89
C THR A 129 19.06 14.41 8.25
N GLY A 130 19.10 13.69 7.13
CA GLY A 130 20.36 13.17 6.66
C GLY A 130 21.00 12.11 7.55
N ARG A 131 20.25 11.53 8.49
CA ARG A 131 20.76 10.50 9.39
C ARG A 131 20.20 9.13 9.01
N GLU A 132 20.82 8.07 9.55
CA GLU A 132 20.60 6.71 9.09
C GLU A 132 19.61 5.88 9.91
N LEU A 133 19.65 5.95 11.24
CA LEU A 133 19.00 4.94 12.07
C LEU A 133 17.58 5.34 12.47
N ILE A 134 16.69 4.35 12.49
CA ILE A 134 15.36 4.46 13.07
C ILE A 134 15.33 3.60 14.33
N LEU A 135 14.87 4.18 15.44
CA LEU A 135 14.62 3.42 16.66
C LEU A 135 13.12 3.21 16.76
N SER A 136 12.71 1.95 16.95
CA SER A 136 11.34 1.54 16.73
C SER A 136 10.90 0.55 17.81
N CYS A 137 9.61 0.59 18.11
CA CYS A 137 8.95 -0.55 18.73
C CYS A 137 7.48 -0.47 18.39
N GLY A 138 6.79 -1.59 18.58
CA GLY A 138 5.41 -1.72 18.13
C GLY A 138 5.32 -2.15 16.68
N TYR A 139 4.20 -2.79 16.35
CA TYR A 139 3.89 -3.21 14.98
C TYR A 139 3.75 -2.00 14.06
N HIS A 140 4.45 -2.04 12.91
CA HIS A 140 4.31 -0.96 11.92
C HIS A 140 3.86 -1.44 10.54
N GLY A 141 3.60 -2.74 10.37
CA GLY A 141 3.21 -3.30 9.10
C GLY A 141 3.96 -4.56 8.79
N TRP A 142 3.76 -5.07 7.57
CA TRP A 142 4.24 -6.39 7.20
C TRP A 142 5.53 -6.38 6.40
N HIS A 143 6.14 -5.22 6.15
CA HIS A 143 7.42 -5.24 5.47
C HIS A 143 8.51 -5.70 6.43
N GLU A 144 9.56 -6.32 5.87
CA GLU A 144 10.59 -6.97 6.67
C GLU A 144 11.09 -6.08 7.79
N TRP A 145 11.42 -4.83 7.47
CA TRP A 145 12.08 -3.99 8.45
C TRP A 145 11.15 -3.65 9.60
N GLN A 146 9.86 -3.53 9.30
CA GLN A 146 8.86 -3.31 10.33
C GLN A 146 8.75 -4.51 11.27
N LEU A 147 8.55 -5.69 10.68
CA LEU A 147 8.44 -6.92 11.46
C LEU A 147 9.68 -7.15 12.32
N ALA A 148 10.87 -6.99 11.73
CA ALA A 148 12.10 -7.25 12.49
C ALA A 148 12.28 -6.24 13.62
N GLY A 149 11.77 -5.02 13.44
CA GLY A 149 11.93 -3.99 14.45
C GLY A 149 11.07 -4.18 15.69
N GLU A 150 10.12 -5.10 15.66
CA GLU A 150 9.34 -5.35 16.87
C GLU A 150 10.19 -6.02 17.94
N THR A 151 11.22 -6.76 17.52
CA THR A 151 12.14 -7.41 18.45
C THR A 151 13.26 -6.45 18.85
N PHE A 152 13.55 -6.41 20.14
CA PHE A 152 14.68 -5.62 20.62
C PHE A 152 15.95 -6.01 19.89
N GLY A 153 16.70 -5.02 19.44
CA GLY A 153 18.01 -5.28 18.87
C GLY A 153 18.21 -4.47 17.60
N TYR A 154 19.31 -4.77 16.92
CA TYR A 154 19.77 -3.97 15.80
C TYR A 154 19.79 -4.83 14.54
N GLN A 155 19.09 -4.38 13.51
CA GLN A 155 19.20 -4.95 12.16
C GLN A 155 20.01 -3.98 11.30
N GLN A 156 21.28 -4.30 11.07
CA GLN A 156 22.13 -3.34 10.35
C GLN A 156 21.71 -3.20 8.89
N THR A 157 21.18 -4.26 8.27
CA THR A 157 20.78 -4.14 6.86
C THR A 157 19.57 -3.24 6.65
N THR A 158 18.72 -3.04 7.67
CA THR A 158 17.57 -2.13 7.55
C THR A 158 17.80 -0.79 8.26
N GLY A 159 18.83 -0.70 9.10
CA GLY A 159 19.06 0.53 9.83
C GLY A 159 18.03 0.79 10.90
N VAL A 160 17.48 -0.27 11.52
CA VAL A 160 16.42 -0.16 12.50
C VAL A 160 16.90 -0.81 13.79
N VAL A 161 16.78 -0.07 14.90
CA VAL A 161 17.05 -0.59 16.23
C VAL A 161 15.71 -0.73 16.95
N GLY A 162 15.41 -1.94 17.43
CA GLY A 162 14.23 -2.15 18.25
C GLY A 162 14.60 -1.90 19.70
N PHE A 163 13.78 -1.10 20.41
CA PHE A 163 14.07 -0.82 21.81
C PHE A 163 12.96 -1.26 22.78
N GLY A 164 11.98 -2.02 22.32
CA GLY A 164 11.13 -2.80 23.21
C GLY A 164 10.38 -2.03 24.28
N TYR A 165 9.85 -0.84 23.94
CA TYR A 165 9.11 -0.01 24.88
C TYR A 165 9.90 0.27 26.16
N ASN A 166 11.23 0.18 26.10
CA ASN A 166 12.09 0.29 27.28
C ASN A 166 12.68 1.71 27.35
N GLU A 167 12.15 2.50 28.28
CA GLU A 167 12.54 3.89 28.49
C GLU A 167 14.05 4.03 28.72
N LYS A 168 14.59 3.17 29.59
CA LYS A 168 16.02 3.20 29.88
C LYS A 168 16.85 2.92 28.63
N ALA A 169 16.47 1.90 27.87
CA ALA A 169 17.18 1.57 26.64
C ALA A 169 17.25 2.78 25.71
N LEU A 170 16.11 3.47 25.52
CA LEU A 170 16.05 4.57 24.56
C LEU A 170 17.01 5.68 24.97
N ALA A 171 16.99 6.06 26.26
CA ALA A 171 17.87 7.11 26.76
C ALA A 171 19.34 6.73 26.56
N LYS A 172 19.67 5.48 26.85
CA LYS A 172 21.08 5.10 26.70
C LYS A 172 21.47 5.03 25.24
N MET A 173 20.56 4.61 24.35
CA MET A 173 20.88 4.61 22.92
C MET A 173 21.08 6.02 22.39
N LEU A 174 20.21 6.96 22.79
CA LEU A 174 20.33 8.34 22.32
C LEU A 174 21.62 8.97 22.84
N GLU A 175 21.94 8.72 24.10
CA GLU A 175 23.20 9.19 24.67
C GLU A 175 24.41 8.62 23.93
N ALA A 176 24.33 7.38 23.45
CA ALA A 176 25.48 6.72 22.84
C ALA A 176 25.63 6.99 21.35
N PHE A 177 24.53 7.13 20.61
CA PHE A 177 24.64 7.36 19.17
C PHE A 177 23.47 8.17 18.61
N GLY A 178 22.90 9.07 19.41
CA GLY A 178 21.72 9.80 18.96
C GLY A 178 21.96 10.67 17.75
N ASN A 179 23.21 11.10 17.56
CA ASN A 179 23.55 11.88 16.37
C ASN A 179 23.44 11.08 15.09
N GLU A 180 23.23 9.77 15.16
CA GLU A 180 22.99 8.94 13.98
C GLU A 180 21.53 8.56 13.82
N VAL A 181 20.63 9.11 14.64
CA VAL A 181 19.27 8.62 14.70
C VAL A 181 18.34 9.57 13.96
N ALA A 182 17.78 9.11 12.84
CA ALA A 182 16.87 9.94 12.06
C ALA A 182 15.52 10.12 12.75
N GLY A 183 15.08 9.15 13.54
CA GLY A 183 13.82 9.32 14.24
C GLY A 183 13.52 8.14 15.14
N VAL A 184 12.58 8.40 16.05
CA VAL A 184 11.93 7.36 16.85
C VAL A 184 10.53 7.16 16.29
N LEU A 185 10.14 5.90 16.11
CA LEU A 185 8.84 5.52 15.56
C LEU A 185 8.24 4.48 16.49
N ILE A 186 7.15 4.85 17.19
CA ILE A 186 6.57 4.04 18.26
C ILE A 186 5.06 3.96 18.06
N SER A 187 4.53 2.75 18.25
CA SER A 187 3.09 2.53 18.23
C SER A 187 2.63 2.57 19.68
N PRO A 188 1.86 3.57 20.09
CA PRO A 188 1.54 3.72 21.52
C PRO A 188 0.75 2.52 22.00
N GLU A 189 1.18 1.97 23.13
CA GLU A 189 0.50 0.91 23.84
C GLU A 189 0.01 1.50 25.14
N LEU A 190 -1.29 1.35 25.42
CA LEU A 190 -1.96 2.14 26.45
C LEU A 190 -2.56 1.29 27.55
N LEU A 191 -2.27 -0.01 27.54
CA LEU A 191 -2.62 -0.83 28.69
C LEU A 191 -1.55 -0.74 29.77
N TYR A 192 -0.29 -0.81 29.37
CA TYR A 192 0.81 -0.84 30.32
C TYR A 192 1.37 0.55 30.61
N PHE A 193 1.13 1.52 29.75
CA PHE A 193 1.78 2.84 29.84
C PHE A 193 0.72 3.94 29.88
N ASP A 194 1.05 5.04 30.55
CA ASP A 194 0.14 6.18 30.62
C ASP A 194 0.61 7.29 29.68
N VAL A 195 -0.22 8.35 29.56
CA VAL A 195 0.11 9.47 28.66
C VAL A 195 1.46 10.06 29.03
N GLU A 196 1.77 10.13 30.32
CA GLU A 196 3.00 10.75 30.78
C GLU A 196 4.23 10.02 30.26
N PHE A 197 4.14 8.70 30.12
CA PHE A 197 5.24 7.92 29.55
C PHE A 197 5.58 8.41 28.15
N TYR A 198 4.56 8.69 27.34
CA TYR A 198 4.84 9.16 25.98
C TYR A 198 5.25 10.62 25.98
N GLN A 199 4.69 11.44 26.87
CA GLN A 199 5.15 12.82 27.03
C GLN A 199 6.63 12.87 27.37
N ARG A 200 7.09 11.99 28.26
CA ARG A 200 8.52 11.97 28.59
C ARG A 200 9.34 11.49 27.41
N MET A 201 8.80 10.60 26.60
CA MET A 201 9.57 10.11 25.46
C MET A 201 9.74 11.21 24.42
N TYR A 202 8.67 11.97 24.14
CA TYR A 202 8.81 13.13 23.26
C TYR A 202 9.89 14.07 23.77
N ALA A 203 9.85 14.37 25.07
CA ALA A 203 10.80 15.31 25.66
C ALA A 203 12.23 14.79 25.52
N LEU A 204 12.45 13.51 25.79
CA LEU A 204 13.77 12.91 25.56
C LEU A 204 14.22 13.10 24.12
N CYS A 205 13.36 12.77 23.15
CA CYS A 205 13.77 12.88 21.75
C CYS A 205 14.10 14.33 21.38
N ALA A 206 13.27 15.28 21.82
CA ALA A 206 13.50 16.68 21.50
C ALA A 206 14.82 17.18 22.07
N ARG A 207 15.20 16.71 23.27
CA ARG A 207 16.49 17.13 23.83
C ARG A 207 17.67 16.65 22.98
N TYR A 208 17.50 15.60 22.18
CA TYR A 208 18.56 15.17 21.27
C TYR A 208 18.32 15.61 19.82
N ASP A 209 17.30 16.43 19.58
CA ASP A 209 16.98 16.88 18.21
C ASP A 209 16.71 15.68 17.30
N VAL A 210 15.98 14.71 17.85
CA VAL A 210 15.57 13.52 17.11
C VAL A 210 14.06 13.58 16.93
N PRO A 211 13.56 13.55 15.70
CA PRO A 211 12.11 13.51 15.47
C PRO A 211 11.40 12.39 16.23
N PHE A 212 10.35 12.77 16.96
CA PHE A 212 9.49 11.81 17.65
C PHE A 212 8.25 11.59 16.81
N MET A 213 8.07 10.36 16.36
CA MET A 213 7.02 9.98 15.43
C MET A 213 6.16 8.88 16.04
N MET A 214 4.86 9.13 16.14
CA MET A 214 3.95 8.13 16.65
C MET A 214 3.22 7.47 15.49
N ASP A 215 3.29 6.16 15.44
CA ASP A 215 2.49 5.35 14.54
C ASP A 215 1.14 5.23 15.20
N GLU A 216 0.16 6.06 14.81
CA GLU A 216 -1.12 5.84 15.44
C GLU A 216 -2.12 5.29 14.41
N VAL A 217 -1.62 4.43 13.51
CA VAL A 217 -2.49 3.76 12.56
C VAL A 217 -3.65 3.09 13.29
N TYR A 218 -3.40 2.57 14.49
CA TYR A 218 -4.42 1.92 15.30
C TYR A 218 -5.08 2.86 16.30
N THR A 219 -4.27 3.65 17.02
CA THR A 219 -4.78 4.44 18.14
C THR A 219 -5.41 5.75 17.69
N GLY A 220 -5.32 6.09 16.41
CA GLY A 220 -5.59 7.45 15.95
C GLY A 220 -6.97 7.95 16.35
N PHE A 221 -7.98 7.08 16.31
CA PHE A 221 -9.33 7.49 16.67
C PHE A 221 -9.92 6.65 17.80
N ARG A 222 -9.09 5.87 18.50
CA ARG A 222 -9.55 5.02 19.58
C ARG A 222 -8.90 5.28 20.93
N ALA A 223 -7.73 5.92 20.98
CA ALA A 223 -7.27 6.42 22.28
C ALA A 223 -8.03 7.68 22.67
N GLY A 224 -8.62 8.36 21.67
CA GLY A 224 -9.44 9.54 21.87
C GLY A 224 -9.79 10.05 20.49
N PRO A 225 -10.64 11.08 20.40
CA PRO A 225 -11.04 11.55 19.06
C PRO A 225 -9.86 12.13 18.26
N LYS A 226 -8.80 12.59 18.94
CA LYS A 226 -7.58 13.01 18.26
C LYS A 226 -6.41 12.11 18.65
N GLY A 227 -6.67 10.85 18.92
CA GLY A 227 -5.56 9.95 19.20
C GLY A 227 -4.80 10.29 20.48
N VAL A 228 -3.65 9.61 20.61
CA VAL A 228 -2.74 9.85 21.73
C VAL A 228 -2.18 11.28 21.68
N HIS A 229 -1.83 11.74 20.49
CA HIS A 229 -1.37 13.12 20.32
C HIS A 229 -2.37 14.08 20.96
N GLY A 230 -3.66 13.83 20.74
CA GLY A 230 -4.72 14.66 21.29
C GLY A 230 -4.92 14.52 22.78
N LEU A 231 -4.27 13.55 23.42
CA LEU A 231 -4.29 13.51 24.89
C LEU A 231 -3.17 14.33 25.49
N GLY A 232 -2.44 15.08 24.66
CA GLY A 232 -1.39 15.94 25.16
C GLY A 232 0.02 15.44 24.95
N VAL A 233 0.25 14.54 24.00
CA VAL A 233 1.59 14.08 23.66
C VAL A 233 2.04 14.84 22.41
N PRO A 234 3.05 15.73 22.51
CA PRO A 234 3.56 16.39 21.30
C PRO A 234 4.22 15.39 20.36
N ALA A 235 4.24 15.73 19.08
CA ALA A 235 4.82 14.84 18.08
C ALA A 235 5.30 15.64 16.87
N ASP A 236 6.39 15.16 16.29
CA ASP A 236 6.91 15.71 15.05
C ASP A 236 6.28 15.09 13.82
N VAL A 237 5.90 13.81 13.91
CA VAL A 237 5.13 13.12 12.87
C VAL A 237 4.10 12.23 13.55
N VAL A 238 2.88 12.18 13.00
CA VAL A 238 1.86 11.22 13.39
C VAL A 238 1.33 10.58 12.12
N VAL A 239 1.23 9.24 12.11
CA VAL A 239 0.60 8.48 11.02
C VAL A 239 -0.74 7.95 11.53
N VAL A 240 -1.83 8.17 10.75
CA VAL A 240 -3.12 7.58 11.07
C VAL A 240 -3.64 6.82 9.85
N SER A 241 -4.52 5.85 10.11
CA SER A 241 -5.22 5.20 9.00
C SER A 241 -6.48 4.47 9.43
N LYS A 242 -6.36 3.55 10.38
CA LYS A 242 -7.55 2.79 10.79
C LYS A 242 -8.57 3.73 11.41
N GLY A 243 -9.78 3.70 10.88
CA GLY A 243 -10.84 4.62 11.22
C GLY A 243 -10.89 5.88 10.38
N LEU A 244 -9.77 6.24 9.74
CA LEU A 244 -9.67 7.52 9.05
C LEU A 244 -10.77 7.69 8.01
N ALA A 245 -11.01 6.65 7.21
CA ALA A 245 -12.11 6.69 6.25
C ALA A 245 -13.10 5.56 6.50
N ASN A 246 -13.22 5.13 7.76
CA ASN A 246 -14.21 4.16 8.21
C ASN A 246 -14.20 2.87 7.40
N GLY A 247 -13.01 2.32 7.19
CA GLY A 247 -12.86 1.06 6.49
C GLY A 247 -12.38 1.19 5.05
N HIS A 248 -12.61 2.33 4.40
CA HIS A 248 -12.03 2.60 3.10
C HIS A 248 -10.52 2.89 3.24
N SER A 249 -9.76 2.47 2.23
CA SER A 249 -8.29 2.54 2.34
C SER A 249 -7.83 3.98 2.17
N LEU A 250 -7.29 4.53 3.25
CA LEU A 250 -6.68 5.85 3.30
C LEU A 250 -5.75 5.89 4.51
N ALA A 251 -4.59 6.48 4.34
CA ALA A 251 -3.67 6.78 5.43
C ALA A 251 -3.19 8.22 5.28
N ALA A 252 -2.85 8.84 6.41
CA ALA A 252 -2.37 10.21 6.46
C ALA A 252 -1.08 10.26 7.27
N VAL A 253 -0.06 10.92 6.73
CA VAL A 253 1.19 11.21 7.42
C VAL A 253 1.20 12.73 7.70
N MET A 254 1.00 13.10 8.96
CA MET A 254 0.88 14.50 9.35
C MET A 254 2.10 14.92 10.15
N GLY A 255 2.65 16.09 9.87
CA GLY A 255 3.83 16.42 10.63
C GLY A 255 4.33 17.83 10.44
N ARG A 256 5.51 18.08 10.99
CA ARG A 256 6.01 19.44 10.98
C ARG A 256 6.59 19.69 9.58
N ARG A 257 6.56 20.94 9.15
CA ARG A 257 6.74 21.21 7.73
C ARG A 257 8.10 20.73 7.21
N ASP A 258 9.16 20.94 7.98
CA ASP A 258 10.48 20.62 7.43
C ASP A 258 10.64 19.12 7.17
N ILE A 259 9.94 18.27 7.94
CA ILE A 259 9.97 16.83 7.67
C ILE A 259 9.11 16.47 6.45
N ILE A 260 7.88 17.00 6.38
CA ILE A 260 7.01 16.66 5.26
C ILE A 260 7.56 17.22 3.95
N ASP A 261 8.23 18.38 4.01
CA ASP A 261 8.86 18.98 2.83
C ASP A 261 9.89 18.05 2.19
N ALA A 262 10.39 17.04 2.90
CA ALA A 262 11.37 16.15 2.29
C ALA A 262 10.74 15.14 1.33
N TYR A 263 9.43 15.23 1.07
CA TYR A 263 8.77 14.26 0.21
C TYR A 263 9.47 14.12 -1.14
N ASP A 264 9.74 15.23 -1.82
CA ASP A 264 10.30 15.18 -3.17
C ASP A 264 11.60 14.38 -3.23
N VAL A 265 12.55 14.71 -2.36
CA VAL A 265 13.85 14.05 -2.45
C VAL A 265 13.83 12.68 -1.81
N SER A 266 12.80 12.38 -1.02
CA SER A 266 12.68 11.06 -0.40
C SER A 266 12.40 9.96 -1.42
N GLY A 267 11.83 10.28 -2.59
CA GLY A 267 11.46 9.25 -3.54
C GLY A 267 10.14 8.56 -3.27
N ILE A 268 9.36 9.03 -2.30
CA ILE A 268 8.04 8.44 -2.07
C ILE A 268 7.14 8.77 -3.26
N GLN A 269 6.35 7.79 -3.69
CA GLN A 269 5.24 8.09 -4.58
C GLN A 269 4.17 7.01 -4.41
N GLY A 270 3.43 6.72 -5.48
CA GLY A 270 2.31 5.80 -5.42
C GLY A 270 1.16 6.33 -6.25
N THR A 271 0.74 5.58 -7.27
CA THR A 271 -0.22 6.11 -8.22
C THR A 271 -1.62 6.25 -7.63
N TYR A 272 -1.94 5.54 -6.55
CA TYR A 272 -3.25 5.67 -5.91
C TYR A 272 -3.27 6.68 -4.76
N THR A 273 -2.14 7.31 -4.41
CA THR A 273 -2.18 8.26 -3.29
C THR A 273 -3.15 9.40 -3.58
N ARG A 274 -3.37 9.72 -4.86
CA ARG A 274 -4.23 10.82 -5.31
C ARG A 274 -5.71 10.49 -5.24
N GLU A 275 -6.05 9.21 -5.04
CA GLU A 275 -7.44 8.76 -5.13
C GLU A 275 -8.33 9.61 -4.25
N VAL A 276 -9.40 10.14 -4.85
CA VAL A 276 -10.19 11.23 -4.25
C VAL A 276 -11.35 10.75 -3.37
N PRO A 277 -12.16 9.77 -3.76
CA PRO A 277 -13.33 9.39 -2.92
C PRO A 277 -12.97 9.13 -1.46
N PRO A 278 -11.89 8.39 -1.16
CA PRO A 278 -11.55 8.18 0.27
C PRO A 278 -11.33 9.46 1.07
N MET A 279 -10.83 10.54 0.44
CA MET A 279 -10.63 11.79 1.17
C MET A 279 -11.97 12.47 1.48
N ALA A 280 -12.98 12.28 0.63
CA ALA A 280 -14.31 12.78 0.97
C ALA A 280 -14.91 11.96 2.11
N ALA A 281 -14.65 10.65 2.11
CA ALA A 281 -15.14 9.81 3.20
C ALA A 281 -14.49 10.22 4.52
N ALA A 282 -13.19 10.54 4.50
CA ALA A 282 -12.49 10.95 5.72
C ALA A 282 -13.06 12.24 6.29
N MET A 283 -13.48 13.17 5.43
CA MET A 283 -14.06 14.38 5.97
C MET A 283 -15.44 14.11 6.57
N ALA A 284 -16.17 13.14 6.03
CA ALA A 284 -17.42 12.73 6.68
C ALA A 284 -17.13 12.11 8.05
N VAL A 285 -16.10 11.26 8.16
CA VAL A 285 -15.76 10.68 9.46
C VAL A 285 -15.46 11.77 10.48
N LEU A 286 -14.65 12.76 10.07
CA LEU A 286 -14.29 13.83 11.02
C LEU A 286 -15.53 14.61 11.45
N ASP A 287 -16.48 14.83 10.53
CA ASP A 287 -17.71 15.54 10.86
C ASP A 287 -18.56 14.77 11.86
N VAL A 288 -18.56 13.44 11.75
CA VAL A 288 -19.32 12.62 12.69
C VAL A 288 -18.65 12.62 14.06
N LEU A 289 -17.32 12.42 14.08
CA LEU A 289 -16.62 12.35 15.36
C LEU A 289 -16.61 13.70 16.07
N ASP A 290 -16.64 14.81 15.33
CA ASP A 290 -16.69 16.13 15.95
C ASP A 290 -18.12 16.56 16.30
N THR A 291 -19.13 15.74 16.03
CA THR A 291 -20.49 16.10 16.42
C THR A 291 -20.64 15.92 17.92
N PRO A 292 -21.09 16.95 18.64
CA PRO A 292 -21.16 16.85 20.11
C PRO A 292 -21.91 15.60 20.57
N GLY A 293 -21.34 14.91 21.56
CA GLY A 293 -21.94 13.74 22.17
C GLY A 293 -21.61 12.40 21.51
N VAL A 294 -21.28 12.39 20.21
CA VAL A 294 -21.05 11.12 19.51
C VAL A 294 -19.90 10.35 20.14
N TYR A 295 -18.75 10.99 20.27
CA TYR A 295 -17.59 10.25 20.77
C TYR A 295 -17.77 9.89 22.24
N GLU A 296 -18.44 10.76 22.99
CA GLU A 296 -18.69 10.48 24.40
C GLU A 296 -19.60 9.27 24.55
N HIS A 297 -20.66 9.19 23.75
CA HIS A 297 -21.55 8.04 23.84
C HIS A 297 -20.81 6.74 23.49
N ALA A 298 -19.93 6.79 22.48
CA ALA A 298 -19.18 5.59 22.12
C ALA A 298 -18.31 5.13 23.29
N GLU A 299 -17.60 6.06 23.93
CA GLU A 299 -16.77 5.69 25.06
C GLU A 299 -17.62 5.10 26.19
N ALA A 300 -18.84 5.63 26.40
CA ALA A 300 -19.72 5.04 27.40
C ALA A 300 -20.09 3.60 27.04
N MET A 301 -20.26 3.31 25.76
CA MET A 301 -20.58 1.94 25.35
C MET A 301 -19.36 1.03 25.53
N GLY A 302 -18.16 1.55 25.27
CA GLY A 302 -16.96 0.76 25.52
C GLY A 302 -16.72 0.49 27.00
N ARG A 303 -16.99 1.49 27.85
CA ARG A 303 -16.91 1.26 29.29
C ARG A 303 -17.94 0.23 29.74
N ARG A 304 -19.17 0.34 29.23
CA ARG A 304 -20.21 -0.64 29.57
C ARG A 304 -19.75 -2.06 29.25
N LEU A 305 -19.15 -2.27 28.08
CA LEU A 305 -18.71 -3.61 27.71
C LEU A 305 -17.53 -4.06 28.56
N ALA A 306 -16.54 -3.19 28.72
CA ALA A 306 -15.34 -3.56 29.47
C ALA A 306 -15.67 -3.86 30.93
N ASP A 307 -16.44 -2.99 31.58
CA ASP A 307 -16.85 -3.23 32.96
C ASP A 307 -17.68 -4.50 33.07
N GLY A 308 -18.55 -4.77 32.10
CA GLY A 308 -19.34 -5.99 32.18
C GLY A 308 -18.47 -7.23 32.08
N MET A 309 -17.46 -7.17 31.20
CA MET A 309 -16.57 -8.31 31.02
C MET A 309 -15.74 -8.55 32.28
N ARG A 310 -15.24 -7.47 32.89
CA ARG A 310 -14.55 -7.55 34.18
C ARG A 310 -15.43 -8.23 35.24
N GLU A 311 -16.68 -7.79 35.35
CA GLU A 311 -17.60 -8.38 36.33
C GLU A 311 -17.84 -9.86 36.05
N ILE A 312 -18.08 -10.22 34.78
CA ILE A 312 -18.33 -11.62 34.44
C ILE A 312 -17.14 -12.49 34.81
N LEU A 313 -15.92 -12.03 34.48
CA LEU A 313 -14.73 -12.81 34.80
C LEU A 313 -14.47 -12.83 36.31
N THR A 314 -14.58 -11.68 36.97
CA THR A 314 -14.33 -11.65 38.41
C THR A 314 -15.36 -12.49 39.17
N GLY A 315 -16.63 -12.44 38.73
CA GLY A 315 -17.66 -13.22 39.41
C GLY A 315 -17.43 -14.71 39.35
N GLU A 316 -16.79 -15.20 38.27
CA GLU A 316 -16.46 -16.61 38.13
C GLU A 316 -15.15 -16.99 38.80
N GLY A 317 -14.43 -16.03 39.40
CA GLY A 317 -13.15 -16.32 40.02
C GLY A 317 -11.98 -16.42 39.07
N ILE A 318 -12.13 -15.93 37.84
CA ILE A 318 -11.03 -15.98 36.89
C ILE A 318 -10.16 -14.75 37.11
N PRO A 319 -8.88 -14.92 37.41
CA PRO A 319 -7.99 -13.76 37.55
C PRO A 319 -7.93 -13.00 36.23
N ASN A 320 -7.98 -11.68 36.32
CA ASN A 320 -8.13 -10.89 35.11
C ASN A 320 -7.66 -9.47 35.34
N TRP A 321 -7.32 -8.83 34.23
CA TRP A 321 -6.95 -7.42 34.17
C TRP A 321 -7.64 -6.84 32.93
N VAL A 322 -8.61 -5.97 33.12
CA VAL A 322 -9.27 -5.29 32.02
C VAL A 322 -8.90 -3.82 32.09
N GLY A 323 -8.17 -3.33 31.07
CA GLY A 323 -7.71 -1.95 31.07
C GLY A 323 -7.56 -1.39 29.67
N GLY A 324 -7.11 -0.13 29.61
CA GLY A 324 -6.86 0.54 28.36
C GLY A 324 -7.98 1.52 28.03
N PRO A 325 -7.86 2.22 26.91
CA PRO A 325 -8.92 3.16 26.49
C PRO A 325 -10.24 2.46 26.23
N ALA A 326 -11.34 3.19 26.41
CA ALA A 326 -12.67 2.59 26.26
C ALA A 326 -12.88 2.02 24.86
N LEU A 327 -12.28 2.64 23.83
CA LEU A 327 -12.47 2.21 22.46
C LEU A 327 -11.34 1.31 21.96
N MET A 328 -10.52 0.78 22.87
CA MET A 328 -9.48 -0.18 22.54
C MET A 328 -8.90 -0.81 23.80
N PHE A 329 -9.74 -1.52 24.55
CA PHE A 329 -9.35 -2.05 25.84
C PHE A 329 -8.99 -3.52 25.72
N ASP A 330 -8.07 -3.96 26.56
CA ASP A 330 -7.58 -5.33 26.53
C ASP A 330 -8.09 -6.10 27.73
N THR A 331 -8.21 -7.41 27.57
CA THR A 331 -8.48 -8.34 28.66
C THR A 331 -7.33 -9.34 28.78
N VAL A 332 -6.60 -9.27 29.89
CA VAL A 332 -5.47 -10.17 30.11
C VAL A 332 -5.88 -11.22 31.14
N LEU A 333 -5.55 -12.47 30.86
CA LEU A 333 -5.97 -13.65 31.63
C LEU A 333 -4.73 -14.43 32.02
N PRO A 334 -4.86 -15.39 32.95
CA PRO A 334 -3.65 -16.11 33.41
C PRO A 334 -2.89 -16.85 32.32
N ASN A 335 -3.52 -17.20 31.21
CA ASN A 335 -2.84 -17.95 30.16
C ASN A 335 -3.41 -17.54 28.81
N ASP A 336 -2.70 -17.91 27.74
CA ASP A 336 -3.09 -17.44 26.41
C ASP A 336 -4.19 -18.28 25.78
N ASP A 337 -4.45 -19.48 26.29
CA ASP A 337 -5.48 -20.31 25.69
C ASP A 337 -6.89 -19.93 26.14
N LEU A 338 -7.04 -19.44 27.38
CA LEU A 338 -8.37 -19.24 27.95
C LEU A 338 -9.18 -18.21 27.16
N GLY A 339 -8.56 -17.07 26.85
CA GLY A 339 -9.29 -16.02 26.13
C GLY A 339 -9.74 -16.49 24.76
N TRP A 340 -8.83 -17.11 24.00
CA TRP A 340 -9.18 -17.59 22.67
C TRP A 340 -10.35 -18.56 22.72
N GLU A 341 -10.36 -19.47 23.70
CA GLU A 341 -11.46 -20.43 23.81
C GLU A 341 -12.78 -19.71 24.08
N ILE A 342 -12.78 -18.72 24.98
CA ILE A 342 -14.02 -17.98 25.26
C ILE A 342 -14.48 -17.23 24.02
N TYR A 343 -13.56 -16.49 23.39
CA TYR A 343 -13.93 -15.69 22.22
C TYR A 343 -14.47 -16.58 21.11
N LYS A 344 -13.84 -17.73 20.88
CA LYS A 344 -14.36 -18.66 19.87
C LYS A 344 -15.76 -19.14 20.24
N THR A 345 -15.92 -19.63 21.46
CA THR A 345 -17.22 -20.14 21.89
C THR A 345 -18.30 -19.06 21.78
N ALA A 346 -17.97 -17.81 22.09
CA ALA A 346 -18.96 -16.74 22.02
C ALA A 346 -19.53 -16.53 20.63
N HIS A 347 -18.78 -16.93 19.59
CA HIS A 347 -19.30 -16.86 18.22
C HIS A 347 -20.56 -17.71 18.05
N ASP A 348 -20.67 -18.83 18.79
CA ASP A 348 -21.91 -19.61 18.73
C ASP A 348 -23.09 -18.87 19.30
N PHE A 349 -22.86 -17.80 20.08
CA PHE A 349 -23.93 -17.05 20.73
C PHE A 349 -24.15 -15.70 20.05
N GLY A 350 -23.80 -15.60 18.77
CA GLY A 350 -24.12 -14.43 17.98
C GLY A 350 -23.26 -13.21 18.19
N VAL A 351 -22.00 -13.36 18.62
CA VAL A 351 -21.12 -12.20 18.77
C VAL A 351 -19.73 -12.49 18.22
N TYR A 352 -19.18 -11.53 17.46
CA TYR A 352 -17.81 -11.59 16.93
C TYR A 352 -16.88 -10.79 17.84
N PHE A 353 -16.42 -11.41 18.92
CA PHE A 353 -15.33 -10.83 19.70
C PHE A 353 -14.03 -10.87 18.90
N GLU A 354 -13.15 -9.90 19.16
CA GLU A 354 -11.82 -9.91 18.55
C GLU A 354 -10.92 -10.92 19.28
N ASP A 355 -10.38 -11.91 18.53
CA ASP A 355 -9.59 -13.02 19.13
C ASP A 355 -8.43 -12.54 19.99
N SER A 356 -7.73 -11.52 19.54
CA SER A 356 -6.48 -11.14 20.20
C SER A 356 -6.70 -10.54 21.58
N GLY A 357 -7.95 -10.27 21.98
CA GLY A 357 -8.24 -9.75 23.31
C GLY A 357 -8.49 -8.26 23.41
N THR A 358 -8.37 -7.51 22.31
CA THR A 358 -8.67 -6.08 22.31
C THR A 358 -10.03 -5.88 21.64
N GLN A 359 -11.02 -5.41 22.39
CA GLN A 359 -12.37 -5.22 21.86
C GLN A 359 -12.58 -3.80 21.38
N LEU A 360 -13.32 -3.65 20.28
CA LEU A 360 -13.35 -2.39 19.53
C LEU A 360 -14.79 -1.98 19.21
N VAL A 361 -15.48 -1.31 20.14
CA VAL A 361 -16.82 -0.80 19.80
C VAL A 361 -16.69 0.35 18.81
N THR A 362 -17.78 0.63 18.12
CA THR A 362 -17.87 1.77 17.19
C THR A 362 -18.95 2.73 17.68
N THR A 363 -19.02 3.91 17.04
CA THR A 363 -19.97 4.93 17.48
C THR A 363 -21.42 4.51 17.28
N ALA A 364 -21.68 3.56 16.38
CA ALA A 364 -23.05 3.08 16.18
C ALA A 364 -23.56 2.19 17.31
N PHE A 365 -22.72 1.81 18.26
CA PHE A 365 -23.14 0.89 19.31
C PHE A 365 -24.19 1.52 20.23
N ASP A 366 -25.23 0.76 20.53
CA ASP A 366 -26.20 1.08 21.57
C ASP A 366 -26.13 0.02 22.66
N GLU A 367 -26.91 0.23 23.72
CA GLU A 367 -26.80 -0.67 24.87
C GLU A 367 -27.30 -2.07 24.56
N ALA A 368 -28.29 -2.20 23.66
CA ALA A 368 -28.72 -3.52 23.24
C ALA A 368 -27.58 -4.31 22.60
N ALA A 369 -26.73 -3.64 21.81
CA ALA A 369 -25.62 -4.37 21.18
C ALA A 369 -24.57 -4.76 22.21
N VAL A 370 -24.26 -3.86 23.15
CA VAL A 370 -23.32 -4.19 24.22
C VAL A 370 -23.86 -5.33 25.08
N ASP A 371 -25.15 -5.27 25.42
CA ASP A 371 -25.72 -6.27 26.32
C ASP A 371 -25.87 -7.62 25.64
N HIS A 372 -26.11 -7.63 24.33
CA HIS A 372 -26.06 -8.90 23.60
C HIS A 372 -24.66 -9.51 23.67
N ALA A 373 -23.62 -8.69 23.56
CA ALA A 373 -22.25 -9.20 23.64
C ALA A 373 -21.90 -9.68 25.03
N LEU A 374 -22.37 -8.98 26.07
CA LEU A 374 -22.13 -9.44 27.43
C LEU A 374 -22.85 -10.77 27.70
N THR A 375 -24.09 -10.91 27.23
CA THR A 375 -24.80 -12.17 27.38
C THR A 375 -23.98 -13.32 26.77
N ALA A 376 -23.41 -13.09 25.59
CA ALA A 376 -22.64 -14.12 24.91
C ALA A 376 -21.34 -14.41 25.65
N PHE A 377 -20.66 -13.37 26.12
CA PHE A 377 -19.44 -13.56 26.90
C PHE A 377 -19.74 -14.33 28.18
N ARG A 378 -20.85 -13.99 28.83
CA ARG A 378 -21.22 -14.69 30.08
C ARG A 378 -21.46 -16.18 29.82
N LYS A 379 -22.21 -16.50 28.77
CA LYS A 379 -22.49 -17.89 28.45
C LYS A 379 -21.22 -18.63 28.04
N ALA A 380 -20.37 -17.97 27.24
CA ALA A 380 -19.16 -18.61 26.73
C ALA A 380 -18.16 -18.85 27.85
N THR A 381 -18.00 -17.88 28.76
CA THR A 381 -17.08 -18.08 29.89
C THR A 381 -17.53 -19.24 30.76
N ARG A 382 -18.83 -19.31 31.05
CA ARG A 382 -19.32 -20.42 31.87
C ARG A 382 -19.07 -21.77 31.18
N GLN A 383 -19.26 -21.84 29.87
CA GLN A 383 -19.07 -23.12 29.17
C GLN A 383 -17.60 -23.52 29.16
N VAL A 384 -16.69 -22.57 28.92
CA VAL A 384 -15.27 -22.89 28.89
C VAL A 384 -14.80 -23.35 30.26
N ILE A 385 -15.24 -22.67 31.34
CA ILE A 385 -14.94 -23.15 32.69
C ILE A 385 -15.40 -24.59 32.88
N ALA A 386 -16.63 -24.89 32.46
CA ALA A 386 -17.15 -26.24 32.62
C ALA A 386 -16.33 -27.25 31.82
N ASP A 387 -16.04 -26.94 30.57
CA ASP A 387 -15.45 -27.90 29.64
C ASP A 387 -13.93 -27.97 29.71
N ARG A 388 -13.27 -26.86 30.05
CA ARG A 388 -11.81 -26.79 30.00
C ARG A 388 -11.22 -26.29 31.32
N PRO A 389 -11.48 -26.98 32.43
CA PRO A 389 -10.92 -26.54 33.72
C PRO A 389 -9.40 -26.48 33.74
N ASP A 390 -8.73 -27.22 32.84
CA ASP A 390 -7.27 -27.20 32.79
C ASP A 390 -6.70 -25.85 32.36
N ILE A 391 -7.49 -24.99 31.73
CA ILE A 391 -7.06 -23.64 31.37
C ILE A 391 -7.91 -22.56 32.00
N ALA A 392 -8.89 -22.92 32.84
CA ALA A 392 -9.83 -21.97 33.41
C ALA A 392 -9.77 -22.01 34.93
N PRO A 393 -8.73 -21.43 35.54
CA PRO A 393 -8.70 -21.31 36.99
C PRO A 393 -9.81 -20.40 37.48
N THR A 394 -10.44 -20.80 38.58
CA THR A 394 -11.59 -20.11 39.15
C THR A 394 -11.39 -19.85 40.65
N SER A 395 -10.16 -19.74 41.11
CA SER A 395 -9.90 -19.57 42.54
C SER A 395 -9.52 -18.14 42.90
N GLY A 396 -9.90 -17.17 42.07
CA GLY A 396 -9.70 -15.78 42.44
C GLY A 396 -8.25 -15.33 42.38
N GLY A 397 -8.02 -14.16 42.95
CA GLY A 397 -6.71 -13.55 42.94
C GLY A 397 -6.46 -12.69 41.72
N GLU A 398 -5.28 -12.08 41.69
CA GLU A 398 -4.87 -11.20 40.62
C GLU A 398 -3.84 -11.91 39.74
N LEU A 399 -3.66 -11.37 38.53
CA LEU A 399 -2.57 -11.84 37.68
C LEU A 399 -1.24 -11.67 38.41
N THR A 400 -0.36 -12.66 38.29
CA THR A 400 0.97 -12.53 38.86
C THR A 400 1.79 -11.50 38.08
N GLU A 401 2.79 -10.93 38.76
CA GLU A 401 3.71 -10.03 38.08
C GLU A 401 4.44 -10.74 36.95
N GLU A 402 4.81 -12.00 37.18
CA GLU A 402 5.38 -12.82 36.13
C GLU A 402 4.54 -12.81 34.87
N ARG A 403 3.26 -13.17 34.99
CA ARG A 403 2.40 -13.24 33.82
C ARG A 403 2.32 -11.88 33.12
N LYS A 404 2.22 -10.80 33.89
CA LYS A 404 2.06 -9.47 33.30
C LYS A 404 3.33 -9.04 32.57
N LEU A 405 4.50 -9.35 33.14
CA LEU A 405 5.77 -9.07 32.46
C LEU A 405 5.95 -9.96 31.24
N ASP A 406 5.66 -11.26 31.35
CA ASP A 406 5.80 -12.16 30.21
CA ASP A 406 5.83 -12.13 30.19
C ASP A 406 4.85 -11.77 29.08
N PHE A 407 3.60 -11.46 29.42
CA PHE A 407 2.62 -11.12 28.38
C PHE A 407 3.05 -9.89 27.61
N ALA A 408 3.62 -8.88 28.28
CA ALA A 408 4.07 -7.68 27.58
C ALA A 408 5.14 -8.00 26.55
N GLU A 409 6.11 -8.84 26.92
CA GLU A 409 7.10 -9.27 25.93
C GLU A 409 6.45 -10.05 24.80
N GLU A 410 5.56 -11.01 25.13
CA GLU A 410 4.93 -11.86 24.14
C GLU A 410 4.06 -11.05 23.18
N ALA A 411 3.25 -10.15 23.75
CA ALA A 411 2.22 -9.49 22.97
C ALA A 411 2.77 -8.37 22.12
N PHE A 412 3.73 -7.59 22.66
CA PHE A 412 4.16 -6.43 21.88
C PHE A 412 5.65 -6.17 22.01
N GLY A 413 6.44 -7.18 22.36
CA GLY A 413 7.87 -7.02 22.49
C GLY A 413 8.32 -6.02 23.55
N GLY A 414 7.43 -5.68 24.48
CA GLY A 414 7.83 -4.81 25.58
C GLY A 414 8.75 -5.56 26.53
N LEU A 415 9.95 -5.03 26.75
CA LEU A 415 10.90 -5.63 27.69
C LEU A 415 10.87 -4.75 28.92
N LEU A 416 10.10 -5.15 29.93
CA LEU A 416 9.81 -4.27 31.04
C LEU A 416 10.50 -4.68 32.32
N ARG A 417 11.39 -5.66 32.29
CA ARG A 417 12.12 -6.07 33.49
C ARG A 417 13.40 -5.28 33.66
N ASP A 418 13.74 -5.00 34.91
CA ASP A 418 15.05 -4.47 35.25
C ASP A 418 15.88 -5.57 35.89
N ASP A 419 16.12 -6.64 35.15
CA ASP A 419 16.96 -7.76 35.54
C ASP A 419 18.23 -7.71 34.71
N GLU A 420 19.11 -8.70 34.93
CA GLU A 420 20.41 -8.57 34.29
C GLU A 420 20.34 -8.89 32.80
N ARG A 421 19.45 -9.81 32.37
CA ARG A 421 19.46 -10.14 30.95
C ARG A 421 18.95 -8.96 30.13
N THR A 422 17.90 -8.27 30.60
CA THR A 422 17.42 -7.11 29.86
C THR A 422 18.49 -6.04 29.81
N ASN A 423 19.19 -5.79 30.92
CA ASN A 423 20.26 -4.79 30.90
C ASN A 423 21.45 -5.27 30.08
N ALA A 424 21.69 -6.59 30.04
CA ALA A 424 22.72 -7.11 29.16
C ALA A 424 22.33 -6.96 27.69
N LEU A 425 21.05 -7.20 27.37
CA LEU A 425 20.60 -7.01 26.01
C LEU A 425 20.74 -5.54 25.59
N ILE A 426 20.42 -4.62 26.50
CA ILE A 426 20.58 -3.20 26.21
C ILE A 426 22.04 -2.89 25.85
N ASP A 427 22.97 -3.32 26.70
CA ASP A 427 24.37 -3.00 26.45
C ASP A 427 24.92 -3.71 25.22
N GLU A 428 24.53 -4.97 24.99
CA GLU A 428 24.97 -5.63 23.77
C GLU A 428 24.54 -4.86 22.54
N THR A 429 23.25 -4.50 22.46
CA THR A 429 22.74 -3.81 21.28
C THR A 429 23.48 -2.50 21.03
N ILE A 430 23.70 -1.71 22.09
CA ILE A 430 24.37 -0.44 21.92
C ILE A 430 25.78 -0.65 21.39
N GLU A 431 26.48 -1.67 21.93
CA GLU A 431 27.80 -2.04 21.44
C GLU A 431 27.77 -2.41 19.96
N LYS A 432 26.75 -3.16 19.53
CA LYS A 432 26.66 -3.54 18.12
C LYS A 432 26.43 -2.35 17.21
N VAL A 433 25.68 -1.36 17.65
CA VAL A 433 25.49 -0.15 16.86
C VAL A 433 26.78 0.67 16.80
N VAL A 434 27.39 0.90 17.96
CA VAL A 434 28.48 1.87 18.06
C VAL A 434 29.70 1.35 17.32
N ASN A 435 30.04 0.08 17.52
CA ASN A 435 31.26 -0.51 16.96
C ASN A 435 31.01 -1.17 15.60
N ARG A 436 29.95 -0.78 14.91
CA ARG A 436 29.62 -1.43 13.65
C ARG A 436 30.54 -0.98 12.52
N ASP A 437 30.60 -1.81 11.48
CA ASP A 437 31.24 -1.46 10.21
C ASP A 437 30.27 -0.57 9.44
N ARG A 438 30.57 0.73 9.36
CA ARG A 438 29.59 1.67 8.81
C ARG A 438 29.45 1.60 7.29
N SER A 439 30.34 0.86 6.61
CA SER A 439 30.19 0.64 5.19
C SER A 439 29.01 -0.27 4.84
N ILE A 440 28.43 -0.97 5.82
CA ILE A 440 27.27 -1.83 5.62
C ILE A 440 26.05 -1.06 6.11
N LYS A 441 25.17 -0.69 5.20
CA LYS A 441 24.05 0.19 5.54
C LYS A 441 22.89 -0.08 4.60
N PRO A 442 21.67 0.23 5.00
CA PRO A 442 20.54 0.14 4.07
C PRO A 442 20.68 1.12 2.93
N VAL A 443 19.89 0.88 1.87
CA VAL A 443 19.70 1.86 0.82
C VAL A 443 19.08 3.11 1.40
N LEU A 444 19.72 4.25 1.14
CA LEU A 444 19.31 5.55 1.66
C LEU A 444 18.98 6.49 0.49
N ILE A 445 17.85 7.18 0.58
CA ILE A 445 17.34 8.05 -0.47
C ILE A 445 16.94 9.38 0.15
N PRO A 446 17.70 10.47 -0.08
CA PRO A 446 18.91 10.39 -0.91
C PRO A 446 20.12 9.79 -0.17
N ALA A 447 21.17 9.46 -0.94
CA ALA A 447 22.38 8.89 -0.36
C ALA A 447 22.94 9.79 0.73
N GLN A 448 23.48 9.17 1.76
CA GLN A 448 24.11 9.85 2.89
C GLN A 448 25.58 9.46 2.86
N ASN A 449 26.42 10.37 2.36
CA ASN A 449 27.82 10.04 2.07
C ASN A 449 28.79 10.69 3.06
N ASN B 4 -16.06 31.83 -7.72
CA ASN B 4 -15.80 30.82 -6.70
C ASN B 4 -14.32 30.44 -6.60
N LEU B 5 -13.95 29.37 -7.28
CA LEU B 5 -12.69 28.67 -7.04
C LEU B 5 -11.78 28.79 -8.26
N THR B 6 -10.49 29.02 -8.02
CA THR B 6 -9.52 29.24 -9.09
C THR B 6 -8.36 28.26 -8.96
N ASN B 7 -7.70 28.00 -10.10
CA ASN B 7 -6.56 27.11 -10.10
C ASN B 7 -5.47 27.60 -9.16
N ARG B 8 -5.06 28.86 -9.32
CA ARG B 8 -3.96 29.38 -8.50
C ARG B 8 -4.40 29.60 -7.06
N GLY B 9 -5.68 29.84 -6.82
CA GLY B 9 -6.14 29.94 -5.43
C GLY B 9 -5.98 28.63 -4.69
N LEU B 10 -6.43 27.53 -5.30
CA LEU B 10 -6.37 26.22 -4.67
C LEU B 10 -4.94 25.69 -4.60
N VAL B 11 -4.11 26.05 -5.58
CA VAL B 11 -2.71 25.64 -5.55
C VAL B 11 -1.99 26.30 -4.40
N GLU B 12 -2.27 27.58 -4.13
CA GLU B 12 -1.63 28.23 -2.99
C GLU B 12 -2.10 27.62 -1.68
N ARG B 13 -3.41 27.41 -1.53
CA ARG B 13 -3.91 26.66 -0.39
C ARG B 13 -3.18 25.31 -0.28
N ALA B 14 -3.04 24.62 -1.42
CA ALA B 14 -2.40 23.30 -1.43
C ALA B 14 -0.97 23.36 -0.94
N ARG B 15 -0.23 24.41 -1.32
CA ARG B 15 1.15 24.57 -0.90
C ARG B 15 1.31 24.61 0.62
N ARG B 16 0.42 25.32 1.33
CA ARG B 16 0.70 25.35 2.77
C ARG B 16 0.33 24.04 3.47
N VAL B 17 -0.62 23.25 2.97
CA VAL B 17 -1.13 22.13 3.77
C VAL B 17 -0.77 20.74 3.24
N THR B 18 -0.39 20.57 1.97
CA THR B 18 -0.22 19.21 1.48
C THR B 18 0.70 19.02 0.27
N ALA B 19 0.98 20.07 -0.50
CA ALA B 19 1.55 19.87 -1.82
C ALA B 19 3.07 19.70 -1.74
N ALA B 20 3.58 18.59 -2.26
CA ALA B 20 5.01 18.47 -2.55
C ALA B 20 5.29 19.21 -3.85
N GLU B 21 6.17 20.20 -3.80
CA GLU B 21 6.27 21.17 -4.89
C GLU B 21 6.49 20.49 -6.24
N ASN B 22 7.50 19.63 -6.33
CA ASN B 22 7.81 19.01 -7.61
C ASN B 22 6.81 17.92 -7.97
N TYR B 23 6.54 17.00 -7.05
CA TYR B 23 5.71 15.86 -7.41
C TYR B 23 4.25 16.29 -7.65
N ASP B 24 3.75 17.26 -6.88
CA ASP B 24 2.33 17.66 -6.97
C ASP B 24 2.07 18.85 -7.89
N ILE B 25 3.07 19.66 -8.19
CA ILE B 25 2.82 20.93 -8.87
C ILE B 25 3.75 21.05 -10.07
N GLY B 26 5.07 21.08 -9.81
CA GLY B 26 6.03 21.33 -10.86
C GLY B 26 5.87 20.42 -12.06
N THR B 27 5.37 19.20 -11.83
CA THR B 27 5.25 18.18 -12.88
C THR B 27 3.83 18.03 -13.40
N ARG B 28 2.87 18.82 -12.93
CA ARG B 28 1.50 18.76 -13.41
C ARG B 28 1.11 20.09 -14.04
N PHE B 29 0.48 20.03 -15.22
CA PHE B 29 0.30 21.21 -16.05
C PHE B 29 -0.71 22.23 -15.48
N SER B 30 -0.36 22.90 -14.38
CA SER B 30 -1.02 24.11 -13.88
C SER B 30 -2.42 23.93 -13.30
N ALA B 31 -3.35 23.32 -14.04
CA ALA B 31 -4.75 23.28 -13.63
C ALA B 31 -5.01 22.16 -12.63
N MET B 32 -5.95 22.40 -11.71
CA MET B 32 -6.35 21.37 -10.75
C MET B 32 -7.69 20.83 -11.21
N ILE B 33 -7.77 19.52 -11.42
CA ILE B 33 -8.94 18.90 -12.01
C ILE B 33 -10.05 18.82 -10.97
N GLN B 34 -11.28 19.03 -11.42
CA GLN B 34 -12.46 18.90 -10.57
C GLN B 34 -13.33 17.71 -10.94
N SER B 35 -13.41 17.35 -12.20
CA SER B 35 -14.19 16.18 -12.60
C SER B 35 -13.63 15.62 -13.90
N GLY B 36 -14.05 14.41 -14.22
CA GLY B 36 -13.76 13.84 -15.52
C GLY B 36 -14.96 13.06 -16.00
N GLU B 37 -15.00 12.83 -17.31
CA GLU B 37 -16.07 12.03 -17.90
C GLU B 37 -15.57 11.46 -19.21
N GLY B 38 -15.60 10.13 -19.34
CA GLY B 38 -15.04 9.48 -20.51
C GLY B 38 -13.61 9.93 -20.77
N ALA B 39 -13.38 10.48 -21.96
CA ALA B 39 -12.06 10.93 -22.40
C ALA B 39 -11.72 12.35 -21.94
N TRP B 40 -12.57 13.02 -21.16
CA TRP B 40 -12.44 14.45 -20.92
C TRP B 40 -12.24 14.77 -19.44
N LEU B 41 -11.47 15.81 -19.17
CA LEU B 41 -11.33 16.36 -17.82
C LEU B 41 -11.86 17.79 -17.79
N THR B 42 -12.27 18.23 -16.60
CA THR B 42 -12.69 19.61 -16.39
C THR B 42 -11.94 20.15 -15.18
N ASP B 43 -11.21 21.25 -15.35
CA ASP B 43 -10.51 21.80 -14.18
C ASP B 43 -11.48 22.67 -13.37
N VAL B 44 -10.98 23.27 -12.27
CA VAL B 44 -11.87 23.96 -11.35
C VAL B 44 -12.39 25.29 -11.90
N GLU B 45 -11.82 25.80 -13.00
CA GLU B 45 -12.33 27.01 -13.64
C GLU B 45 -13.15 26.70 -14.88
N GLY B 46 -13.51 25.42 -15.11
CA GLY B 46 -14.34 25.06 -16.23
C GLY B 46 -13.62 24.70 -17.52
N ASN B 47 -12.30 24.83 -17.58
CA ASN B 47 -11.60 24.45 -18.80
C ASN B 47 -11.69 22.93 -19.01
N ARG B 48 -11.92 22.53 -20.26
CA ARG B 48 -12.04 21.12 -20.63
C ARG B 48 -10.81 20.66 -21.40
N TYR B 49 -10.49 19.37 -21.26
CA TYR B 49 -9.29 18.79 -21.86
C TYR B 49 -9.53 17.34 -22.22
N VAL B 50 -9.01 16.91 -23.37
CA VAL B 50 -8.88 15.49 -23.63
C VAL B 50 -7.75 14.94 -22.76
N ASP B 51 -8.02 13.82 -22.11
CA ASP B 51 -7.08 13.24 -21.14
C ASP B 51 -6.34 12.07 -21.78
N LEU B 52 -5.03 12.23 -21.96
CA LEU B 52 -4.18 11.13 -22.44
C LEU B 52 -3.27 10.57 -21.35
N THR B 53 -3.45 11.00 -20.10
CA THR B 53 -2.61 10.51 -19.01
C THR B 53 -3.18 9.25 -18.35
N ALA B 54 -4.50 9.04 -18.44
CA ALA B 54 -5.20 7.96 -17.73
C ALA B 54 -4.86 7.95 -16.23
N SER B 55 -4.58 9.13 -15.66
CA SER B 55 -4.16 9.27 -14.26
C SER B 55 -3.00 8.33 -13.93
N SER B 56 -1.93 8.46 -14.74
CA SER B 56 -0.71 7.66 -14.62
C SER B 56 -0.97 6.19 -14.93
N GLY B 57 -2.01 5.94 -15.71
CA GLY B 57 -2.29 4.62 -16.22
C GLY B 57 -3.32 3.83 -15.45
N THR B 58 -3.80 4.34 -14.31
CA THR B 58 -4.72 3.56 -13.48
C THR B 58 -6.08 3.40 -14.13
N ILE B 59 -6.43 4.29 -15.06
CA ILE B 59 -7.73 4.28 -15.72
C ILE B 59 -7.61 3.56 -17.06
N ILE B 60 -8.50 2.58 -17.28
CA ILE B 60 -8.53 1.88 -18.55
C ILE B 60 -9.80 2.14 -19.35
N LEU B 61 -10.94 2.41 -18.69
CA LEU B 61 -12.22 2.57 -19.38
C LEU B 61 -12.59 4.02 -19.63
N GLY B 62 -11.96 4.95 -18.92
CA GLY B 62 -12.35 6.34 -18.93
C GLY B 62 -13.00 6.73 -17.61
N HIS B 63 -13.20 8.04 -17.46
CA HIS B 63 -13.69 8.56 -16.19
C HIS B 63 -15.17 8.27 -16.03
N ARG B 64 -15.52 7.81 -14.82
CA ARG B 64 -16.92 7.60 -14.44
C ARG B 64 -17.63 6.70 -15.42
N ASN B 65 -16.96 5.60 -15.75
CA ASN B 65 -17.66 4.51 -16.43
C ASN B 65 -18.83 4.05 -15.59
N GLN B 66 -19.98 3.87 -16.22
CA GLN B 66 -21.24 3.68 -15.51
C GLN B 66 -21.30 2.32 -14.82
N ALA B 67 -20.84 1.27 -15.50
CA ALA B 67 -20.92 -0.07 -14.92
C ALA B 67 -20.02 -0.18 -13.70
N VAL B 68 -18.84 0.43 -13.72
CA VAL B 68 -17.95 0.43 -12.56
C VAL B 68 -18.58 1.20 -11.40
N THR B 69 -19.13 2.37 -11.68
CA THR B 69 -19.79 3.17 -10.64
C THR B 69 -20.99 2.44 -10.06
N GLU B 70 -21.79 1.81 -10.90
CA GLU B 70 -22.93 1.03 -10.39
C GLU B 70 -22.46 -0.09 -9.46
N ALA B 71 -21.41 -0.81 -9.87
CA ALA B 71 -20.94 -1.96 -9.09
C ALA B 71 -20.39 -1.52 -7.74
N ILE B 72 -19.58 -0.46 -7.73
CA ILE B 72 -18.98 -0.02 -6.48
C ILE B 72 -20.04 0.58 -5.56
N THR B 73 -21.02 1.30 -6.12
CA THR B 73 -22.08 1.92 -5.32
C THR B 73 -22.99 0.87 -4.67
N ARG B 74 -23.44 -0.13 -5.44
CA ARG B 74 -24.22 -1.21 -4.85
C ARG B 74 -23.51 -1.85 -3.67
N GLN B 75 -22.23 -2.18 -3.85
CA GLN B 75 -21.49 -2.83 -2.76
C GLN B 75 -21.46 -1.94 -1.52
N ILE B 76 -21.08 -0.67 -1.69
CA ILE B 76 -20.90 0.23 -0.55
C ILE B 76 -22.23 0.49 0.15
N ARG B 77 -23.30 0.71 -0.64
CA ARG B 77 -24.58 1.17 -0.09
C ARG B 77 -25.44 0.01 0.42
N ASP B 78 -25.43 -1.12 -0.28
CA ASP B 78 -26.33 -2.23 0.05
C ASP B 78 -25.71 -3.34 0.89
N PHE B 79 -24.37 -3.38 1.01
CA PHE B 79 -23.73 -4.50 1.71
C PHE B 79 -22.68 -4.05 2.73
N GLY B 80 -21.64 -3.39 2.27
CA GLY B 80 -20.61 -2.91 3.17
C GLY B 80 -19.27 -2.84 2.48
N THR B 81 -18.26 -2.45 3.27
CA THR B 81 -16.93 -2.11 2.75
C THR B 81 -15.84 -3.07 3.22
N ALA B 82 -15.81 -3.41 4.50
CA ALA B 82 -14.82 -4.33 5.04
C ALA B 82 -15.44 -5.06 6.22
N PHE B 83 -15.25 -6.37 6.28
CA PHE B 83 -15.92 -7.24 7.23
C PHE B 83 -14.90 -8.01 8.06
N ALA B 84 -15.40 -8.64 9.12
CA ALA B 84 -14.56 -9.44 10.00
C ALA B 84 -13.97 -10.64 9.27
N SER B 85 -14.69 -11.17 8.29
CA SER B 85 -14.10 -12.14 7.39
C SER B 85 -13.31 -11.40 6.32
N THR B 86 -12.06 -11.80 6.14
CA THR B 86 -11.23 -11.31 5.04
C THR B 86 -11.71 -11.87 3.70
N LEU B 87 -12.40 -13.00 3.72
CA LEU B 87 -13.08 -13.52 2.56
C LEU B 87 -14.41 -12.80 2.39
N SER B 88 -14.83 -12.63 1.14
CA SER B 88 -16.12 -12.04 0.85
C SER B 88 -16.63 -12.65 -0.42
N VAL B 89 -17.93 -12.52 -0.68
CA VAL B 89 -18.49 -13.06 -1.93
C VAL B 89 -17.84 -12.42 -3.16
N PRO B 90 -17.68 -11.10 -3.25
CA PRO B 90 -16.97 -10.54 -4.43
C PRO B 90 -15.51 -10.93 -4.52
N ARG B 91 -14.81 -11.07 -3.40
CA ARG B 91 -13.44 -11.59 -3.50
C ARG B 91 -13.44 -12.98 -4.13
N VAL B 92 -14.33 -13.85 -3.68
CA VAL B 92 -14.37 -15.22 -4.20
C VAL B 92 -14.65 -15.21 -5.69
N GLU B 93 -15.65 -14.41 -6.10
CA GLU B 93 -16.02 -14.34 -7.52
C GLU B 93 -14.89 -13.77 -8.38
N LEU B 94 -14.23 -12.71 -7.90
CA LEU B 94 -13.15 -12.11 -8.68
C LEU B 94 -11.96 -13.06 -8.81
N ALA B 95 -11.60 -13.76 -7.73
CA ALA B 95 -10.52 -14.74 -7.80
C ALA B 95 -10.85 -15.87 -8.76
N GLU B 96 -12.08 -16.39 -8.68
CA GLU B 96 -12.51 -17.40 -9.64
C GLU B 96 -12.44 -16.87 -11.07
N ARG B 97 -12.88 -15.64 -11.28
CA ARG B 97 -12.89 -15.12 -12.63
C ARG B 97 -11.48 -14.92 -13.16
N LEU B 98 -10.58 -14.42 -12.31
CA LEU B 98 -9.20 -14.23 -12.74
C LEU B 98 -8.51 -15.56 -12.99
N CYS B 99 -8.75 -16.57 -12.15
CA CYS B 99 -8.14 -17.89 -12.36
C CYS B 99 -8.59 -18.51 -13.67
N GLU B 100 -9.86 -18.33 -14.02
CA GLU B 100 -10.37 -18.83 -15.30
C GLU B 100 -9.79 -18.05 -16.48
N ARG B 101 -9.48 -16.77 -16.27
CA ARG B 101 -9.07 -15.88 -17.36
C ARG B 101 -7.59 -16.00 -17.74
N TYR B 102 -6.73 -16.47 -16.82
CA TYR B 102 -5.28 -16.45 -17.02
C TYR B 102 -4.70 -17.85 -16.80
N GLU B 103 -3.90 -18.30 -17.77
CA GLU B 103 -3.25 -19.60 -17.62
C GLU B 103 -2.36 -19.65 -16.40
N CYS B 104 -1.64 -18.55 -16.10
CA CYS B 104 -0.73 -18.57 -14.96
C CYS B 104 -1.47 -18.62 -13.62
N ALA B 105 -2.77 -18.34 -13.60
CA ALA B 105 -3.50 -18.10 -12.36
C ALA B 105 -4.11 -19.40 -11.84
N GLU B 106 -3.39 -20.06 -10.94
CA GLU B 106 -3.96 -21.15 -10.15
C GLU B 106 -4.55 -20.67 -8.82
N LYS B 107 -3.95 -19.65 -8.21
CA LYS B 107 -4.47 -18.92 -7.07
C LYS B 107 -4.17 -17.43 -7.27
N VAL B 108 -4.93 -16.58 -6.60
CA VAL B 108 -4.73 -15.13 -6.68
C VAL B 108 -5.07 -14.52 -5.33
N VAL B 109 -4.19 -13.62 -4.86
CA VAL B 109 -4.36 -12.84 -3.65
C VAL B 109 -4.27 -11.36 -4.03
N PHE B 110 -4.72 -10.48 -3.13
CA PHE B 110 -5.01 -9.10 -3.48
C PHE B 110 -4.25 -8.13 -2.58
N HIS B 111 -4.06 -6.90 -3.06
CA HIS B 111 -3.62 -5.91 -2.08
C HIS B 111 -4.09 -4.56 -2.65
N LYS B 112 -3.53 -3.46 -2.15
CA LYS B 112 -3.98 -2.11 -2.49
C LYS B 112 -3.16 -1.40 -3.57
N THR B 113 -1.87 -1.67 -3.71
CA THR B 113 -1.02 -0.89 -4.60
C THR B 113 -0.08 -1.81 -5.37
N GLY B 114 0.43 -1.28 -6.48
CA GLY B 114 1.44 -2.01 -7.24
C GLY B 114 2.70 -2.27 -6.44
N SER B 115 3.13 -1.28 -5.64
CA SER B 115 4.35 -1.41 -4.86
C SER B 115 4.25 -2.55 -3.85
N GLU B 116 3.12 -2.63 -3.14
CA GLU B 116 2.84 -3.79 -2.32
C GLU B 116 2.62 -5.06 -3.12
N GLY B 117 1.99 -4.99 -4.28
CA GLY B 117 1.85 -6.19 -5.13
C GLY B 117 3.19 -6.80 -5.49
N THR B 118 4.15 -5.98 -5.92
CA THR B 118 5.44 -6.52 -6.34
C THR B 118 6.27 -6.95 -5.15
N ALA B 119 6.16 -6.24 -4.02
CA ALA B 119 6.76 -6.74 -2.78
C ALA B 119 6.22 -8.11 -2.42
N MET B 120 4.91 -8.33 -2.59
CA MET B 120 4.34 -9.65 -2.33
C MET B 120 4.94 -10.71 -3.26
N ALA B 121 5.16 -10.35 -4.52
CA ALA B 121 5.77 -11.30 -5.46
C ALA B 121 7.13 -11.77 -4.95
N ALA B 122 7.98 -10.84 -4.52
CA ALA B 122 9.31 -11.21 -4.03
C ALA B 122 9.23 -12.01 -2.73
N ARG B 123 8.40 -11.55 -1.78
CA ARG B 123 8.22 -12.29 -0.53
C ARG B 123 7.72 -13.71 -0.78
N LEU B 124 6.78 -13.87 -1.72
CA LEU B 124 6.26 -15.21 -2.01
C LEU B 124 7.32 -16.09 -2.68
N ALA B 125 8.09 -15.52 -3.61
CA ALA B 125 9.09 -16.32 -4.28
C ALA B 125 10.16 -16.79 -3.30
N ARG B 126 10.58 -15.90 -2.39
CA ARG B 126 11.56 -16.28 -1.37
C ARG B 126 11.00 -17.34 -0.43
N ALA B 127 9.78 -17.11 0.09
CA ALA B 127 9.20 -18.07 1.02
C ALA B 127 8.97 -19.43 0.36
N ALA B 128 8.61 -19.44 -0.92
CA ALA B 128 8.27 -20.70 -1.57
C ALA B 128 9.52 -21.49 -1.96
N THR B 129 10.56 -20.80 -2.41
CA THR B 129 11.77 -21.49 -2.83
C THR B 129 12.79 -21.66 -1.71
N GLY B 130 12.72 -20.84 -0.68
CA GLY B 130 13.77 -20.85 0.32
C GLY B 130 15.08 -20.25 -0.13
N ARG B 131 15.07 -19.43 -1.17
CA ARG B 131 16.29 -18.86 -1.73
C ARG B 131 16.31 -17.34 -1.50
N GLU B 132 17.51 -16.77 -1.59
CA GLU B 132 17.77 -15.41 -1.14
C GLU B 132 17.54 -14.33 -2.20
N LEU B 133 17.96 -14.56 -3.44
CA LEU B 133 18.17 -13.49 -4.39
C LEU B 133 16.96 -13.26 -5.30
N ILE B 134 16.70 -12.00 -5.60
CA ILE B 134 15.76 -11.58 -6.63
C ILE B 134 16.57 -10.88 -7.72
N LEU B 135 16.44 -11.33 -8.97
CA LEU B 135 16.98 -10.62 -10.12
C LEU B 135 15.88 -9.76 -10.74
N SER B 136 16.16 -8.45 -10.91
CA SER B 136 15.12 -7.47 -11.23
C SER B 136 15.59 -6.50 -12.31
N CYS B 137 14.63 -6.01 -13.11
CA CYS B 137 14.83 -4.80 -13.89
C CYS B 137 13.45 -4.20 -14.17
N GLY B 138 13.44 -2.88 -14.38
CA GLY B 138 12.16 -2.20 -14.52
C GLY B 138 11.63 -1.70 -13.20
N TYR B 139 10.84 -0.64 -13.27
CA TYR B 139 10.23 -0.04 -12.09
C TYR B 139 9.24 -1.01 -11.45
N HIS B 140 9.35 -1.18 -10.12
CA HIS B 140 8.43 -1.99 -9.34
C HIS B 140 7.79 -1.23 -8.20
N GLY B 141 8.08 0.05 -8.04
CA GLY B 141 7.49 0.84 -6.98
C GLY B 141 8.52 1.74 -6.33
N TRP B 142 8.10 2.37 -5.23
CA TRP B 142 8.93 3.39 -4.58
C TRP B 142 9.69 2.89 -3.36
N HIS B 143 9.58 1.61 -3.00
CA HIS B 143 10.37 1.13 -1.88
C HIS B 143 11.85 1.08 -2.27
N GLU B 144 12.71 1.15 -1.25
CA GLU B 144 14.15 1.23 -1.49
C GLU B 144 14.63 0.13 -2.42
N TRP B 145 14.22 -1.12 -2.16
CA TRP B 145 14.76 -2.25 -2.92
C TRP B 145 14.27 -2.23 -4.35
N GLN B 146 13.04 -1.72 -4.56
CA GLN B 146 12.53 -1.60 -5.91
C GLN B 146 13.32 -0.57 -6.71
N LEU B 147 13.54 0.61 -6.12
CA LEU B 147 14.22 1.69 -6.85
C LEU B 147 15.67 1.36 -7.12
N ALA B 148 16.40 0.89 -6.10
CA ALA B 148 17.79 0.51 -6.31
C ALA B 148 17.90 -0.58 -7.37
N GLY B 149 16.88 -1.45 -7.46
CA GLY B 149 16.91 -2.56 -8.40
C GLY B 149 16.86 -2.15 -9.85
N GLU B 150 16.44 -0.91 -10.14
CA GLU B 150 16.41 -0.47 -11.52
C GLU B 150 17.81 -0.28 -12.09
N THR B 151 18.80 -0.14 -11.22
CA THR B 151 20.18 0.07 -11.62
C THR B 151 20.90 -1.28 -11.67
N PHE B 152 21.60 -1.53 -12.76
CA PHE B 152 22.43 -2.72 -12.86
C PHE B 152 23.39 -2.77 -11.68
N GLY B 153 23.51 -3.94 -11.07
CA GLY B 153 24.40 -4.15 -9.95
C GLY B 153 23.71 -4.89 -8.82
N TYR B 154 24.51 -5.26 -7.84
CA TYR B 154 24.06 -6.08 -6.72
C TYR B 154 23.93 -5.23 -5.47
N GLN B 155 22.78 -5.32 -4.79
CA GLN B 155 22.57 -4.66 -3.51
C GLN B 155 22.43 -5.74 -2.43
N GLN B 156 23.52 -5.99 -1.70
CA GLN B 156 23.55 -7.13 -0.78
C GLN B 156 22.58 -7.00 0.39
N THR B 157 22.35 -5.77 0.88
CA THR B 157 21.42 -5.59 2.00
C THR B 157 19.95 -5.78 1.61
N THR B 158 19.60 -5.72 0.32
CA THR B 158 18.24 -6.05 -0.09
C THR B 158 18.11 -7.43 -0.73
N GLY B 159 19.22 -8.07 -1.05
CA GLY B 159 19.19 -9.34 -1.76
C GLY B 159 18.70 -9.25 -3.20
N VAL B 160 18.94 -8.12 -3.86
CA VAL B 160 18.42 -7.90 -5.21
C VAL B 160 19.57 -7.53 -6.13
N VAL B 161 19.57 -8.14 -7.32
CA VAL B 161 20.53 -7.84 -8.38
C VAL B 161 19.75 -7.29 -9.57
N GLY B 162 20.15 -6.09 -10.02
CA GLY B 162 19.56 -5.51 -11.22
C GLY B 162 20.33 -6.02 -12.43
N PHE B 163 19.59 -6.47 -13.44
CA PHE B 163 20.25 -6.94 -14.67
C PHE B 163 19.85 -6.16 -15.92
N GLY B 164 19.14 -5.04 -15.76
CA GLY B 164 18.93 -4.09 -16.85
C GLY B 164 18.55 -4.65 -18.21
N TYR B 165 17.54 -5.51 -18.25
CA TYR B 165 16.98 -6.01 -19.50
C TYR B 165 18.04 -6.64 -20.38
N ASN B 166 19.14 -7.10 -19.79
CA ASN B 166 20.26 -7.65 -20.54
C ASN B 166 20.15 -9.17 -20.48
N GLU B 167 19.73 -9.73 -21.60
CA GLU B 167 19.59 -11.18 -21.77
C GLU B 167 20.89 -11.90 -21.42
N LYS B 168 22.01 -11.38 -21.93
CA LYS B 168 23.32 -12.02 -21.72
C LYS B 168 23.69 -12.05 -20.24
N ALA B 169 23.57 -10.90 -19.58
CA ALA B 169 23.82 -10.83 -18.13
C ALA B 169 22.98 -11.85 -17.37
N LEU B 170 21.67 -11.90 -17.67
CA LEU B 170 20.78 -12.81 -16.95
C LEU B 170 21.23 -14.26 -17.08
N ALA B 171 21.58 -14.69 -18.30
CA ALA B 171 21.99 -16.08 -18.50
C ALA B 171 23.29 -16.39 -17.75
N LYS B 172 24.24 -15.46 -17.77
CA LYS B 172 25.49 -15.71 -17.03
C LYS B 172 25.26 -15.66 -15.53
N MET B 173 24.31 -14.85 -15.07
CA MET B 173 23.99 -14.82 -13.65
C MET B 173 23.39 -16.13 -13.19
N LEU B 174 22.45 -16.69 -13.96
CA LEU B 174 21.82 -17.94 -13.56
C LEU B 174 22.81 -19.10 -13.60
N GLU B 175 23.77 -19.07 -14.52
CA GLU B 175 24.77 -20.14 -14.55
C GLU B 175 25.72 -20.05 -13.36
N ALA B 176 26.04 -18.83 -12.90
CA ALA B 176 27.00 -18.68 -11.82
C ALA B 176 26.35 -18.85 -10.44
N PHE B 177 25.13 -18.32 -10.24
CA PHE B 177 24.54 -18.42 -8.91
C PHE B 177 23.02 -18.64 -8.94
N GLY B 178 22.52 -19.32 -9.97
CA GLY B 178 21.08 -19.52 -10.08
C GLY B 178 20.47 -20.32 -8.94
N ASN B 179 21.25 -21.19 -8.30
CA ASN B 179 20.69 -21.90 -7.16
C ASN B 179 20.45 -20.98 -5.96
N GLU B 180 20.84 -19.71 -6.02
CA GLU B 180 20.53 -18.75 -4.98
C GLU B 180 19.40 -17.79 -5.37
N VAL B 181 18.75 -18.01 -6.51
CA VAL B 181 17.81 -17.02 -7.06
C VAL B 181 16.39 -17.48 -6.77
N ALA B 182 15.69 -16.74 -5.91
CA ALA B 182 14.29 -17.05 -5.61
C ALA B 182 13.37 -16.72 -6.78
N GLY B 183 13.75 -15.78 -7.64
CA GLY B 183 12.88 -15.33 -8.71
C GLY B 183 13.46 -14.25 -9.59
N VAL B 184 12.98 -14.16 -10.83
CA VAL B 184 13.24 -13.02 -11.71
C VAL B 184 11.96 -12.19 -11.76
N LEU B 185 12.09 -10.89 -11.55
CA LEU B 185 10.96 -9.97 -11.54
C LEU B 185 11.21 -8.87 -12.57
N ILE B 186 10.43 -8.87 -13.64
CA ILE B 186 10.64 -7.93 -14.74
C ILE B 186 9.35 -7.20 -15.07
N SER B 187 9.46 -5.89 -15.29
CA SER B 187 8.39 -5.09 -15.84
C SER B 187 8.53 -5.06 -17.36
N PRO B 188 7.62 -5.67 -18.12
CA PRO B 188 7.82 -5.74 -19.58
C PRO B 188 7.91 -4.37 -20.22
N GLU B 189 8.92 -4.19 -21.05
CA GLU B 189 9.08 -3.01 -21.91
C GLU B 189 8.87 -3.46 -23.34
N LEU B 190 7.93 -2.82 -24.04
CA LEU B 190 7.49 -3.34 -25.33
C LEU B 190 7.78 -2.38 -26.48
N LEU B 191 8.57 -1.35 -26.26
CA LEU B 191 9.06 -0.51 -27.35
C LEU B 191 10.33 -1.12 -27.95
N TYR B 192 11.29 -1.47 -27.09
CA TYR B 192 12.58 -1.99 -27.52
C TYR B 192 12.58 -3.50 -27.71
N PHE B 193 11.63 -4.21 -27.13
CA PHE B 193 11.65 -5.67 -27.11
C PHE B 193 10.34 -6.22 -27.65
N ASP B 194 10.39 -7.43 -28.20
CA ASP B 194 9.20 -8.09 -28.71
C ASP B 194 8.74 -9.19 -27.74
N VAL B 195 7.61 -9.82 -28.07
CA VAL B 195 7.05 -10.87 -27.22
C VAL B 195 8.04 -12.02 -27.10
N GLU B 196 8.73 -12.34 -28.20
CA GLU B 196 9.65 -13.47 -28.21
C GLU B 196 10.76 -13.28 -27.18
N PHE B 197 11.21 -12.04 -27.01
CA PHE B 197 12.22 -11.75 -25.99
C PHE B 197 11.76 -12.24 -24.61
N TYR B 198 10.48 -12.02 -24.27
CA TYR B 198 10.01 -12.47 -22.95
C TYR B 198 9.72 -13.96 -22.93
N GLN B 199 9.36 -14.55 -24.07
CA GLN B 199 9.23 -16.00 -24.15
C GLN B 199 10.57 -16.68 -23.90
N ARG B 200 11.64 -16.17 -24.51
CA ARG B 200 12.98 -16.72 -24.25
C ARG B 200 13.37 -16.59 -22.79
N MET B 201 13.04 -15.44 -22.18
CA MET B 201 13.35 -15.25 -20.76
C MET B 201 12.58 -16.23 -19.89
N TYR B 202 11.31 -16.49 -20.20
CA TYR B 202 10.59 -17.50 -19.43
C TYR B 202 11.29 -18.84 -19.50
N ALA B 203 11.68 -19.25 -20.70
CA ALA B 203 12.28 -20.57 -20.88
C ALA B 203 13.63 -20.67 -20.18
N LEU B 204 14.42 -19.59 -20.18
CA LEU B 204 15.72 -19.61 -19.52
C LEU B 204 15.56 -19.80 -18.02
N CYS B 205 14.67 -19.03 -17.39
CA CYS B 205 14.40 -19.23 -15.97
C CYS B 205 13.88 -20.63 -15.69
N ALA B 206 13.05 -21.16 -16.58
CA ALA B 206 12.47 -22.48 -16.36
C ALA B 206 13.53 -23.57 -16.29
N ARG B 207 14.53 -23.51 -17.16
CA ARG B 207 15.43 -24.65 -17.15
C ARG B 207 16.46 -24.43 -16.01
N TYR B 208 16.40 -23.29 -15.31
CA TYR B 208 17.14 -23.15 -14.05
C TYR B 208 16.27 -23.37 -12.81
N ASP B 209 15.01 -23.77 -13.00
CA ASP B 209 14.06 -23.93 -11.91
C ASP B 209 13.92 -22.64 -11.09
N VAL B 210 13.88 -21.51 -11.79
CA VAL B 210 13.75 -20.17 -11.19
C VAL B 210 12.41 -19.59 -11.61
N PRO B 211 11.54 -19.22 -10.66
CA PRO B 211 10.25 -18.62 -11.03
C PRO B 211 10.40 -17.36 -11.87
N PHE B 212 9.67 -17.31 -12.98
CA PHE B 212 9.59 -16.12 -13.83
C PHE B 212 8.35 -15.32 -13.41
N MET B 213 8.57 -14.09 -12.94
CA MET B 213 7.49 -13.24 -12.44
C MET B 213 7.45 -11.96 -13.25
N MET B 214 6.28 -11.62 -13.78
CA MET B 214 6.13 -10.43 -14.61
C MET B 214 5.38 -9.37 -13.79
N ASP B 215 6.03 -8.23 -13.59
CA ASP B 215 5.35 -7.07 -12.98
C ASP B 215 4.58 -6.41 -14.11
N GLU B 216 3.30 -6.75 -14.24
CA GLU B 216 2.43 -6.08 -15.22
C GLU B 216 1.50 -5.09 -14.53
N VAL B 217 1.99 -4.38 -13.53
CA VAL B 217 1.17 -3.34 -12.92
C VAL B 217 0.77 -2.33 -13.98
N TYR B 218 1.66 -2.05 -14.93
CA TYR B 218 1.41 -1.13 -16.03
C TYR B 218 0.81 -1.81 -17.25
N THR B 219 1.40 -2.92 -17.71
CA THR B 219 1.05 -3.56 -18.97
C THR B 219 -0.19 -4.45 -18.90
N GLY B 220 -0.72 -4.74 -17.71
CA GLY B 220 -1.67 -5.82 -17.57
C GLY B 220 -2.91 -5.72 -18.45
N PHE B 221 -3.39 -4.49 -18.69
CA PHE B 221 -4.53 -4.28 -19.57
C PHE B 221 -4.21 -3.32 -20.72
N ARG B 222 -2.94 -2.99 -20.94
CA ARG B 222 -2.56 -2.10 -22.02
C ARG B 222 -1.61 -2.74 -23.05
N ALA B 223 -0.88 -3.80 -22.69
CA ALA B 223 -0.21 -4.57 -23.72
C ALA B 223 -1.22 -5.39 -24.52
N GLY B 224 -2.42 -5.55 -23.99
CA GLY B 224 -3.44 -6.40 -24.53
C GLY B 224 -4.47 -6.62 -23.43
N PRO B 225 -5.63 -7.20 -23.76
CA PRO B 225 -6.68 -7.32 -22.75
C PRO B 225 -6.30 -8.26 -21.63
N LYS B 226 -5.27 -9.09 -21.83
CA LYS B 226 -4.74 -9.98 -20.82
C LYS B 226 -3.24 -9.77 -20.65
N GLY B 227 -2.74 -8.56 -20.97
CA GLY B 227 -1.35 -8.20 -20.73
C GLY B 227 -0.36 -8.95 -21.62
N VAL B 228 0.93 -8.79 -21.27
CA VAL B 228 1.98 -9.51 -21.97
C VAL B 228 1.77 -11.01 -21.83
N HIS B 229 1.35 -11.45 -20.64
CA HIS B 229 1.09 -12.89 -20.46
C HIS B 229 0.09 -13.37 -21.50
N GLY B 230 -0.96 -12.58 -21.77
CA GLY B 230 -1.96 -12.93 -22.76
C GLY B 230 -1.46 -13.01 -24.17
N LEU B 231 -0.33 -12.36 -24.48
CA LEU B 231 0.25 -12.44 -25.81
C LEU B 231 1.10 -13.71 -26.01
N GLY B 232 1.08 -14.62 -25.06
CA GLY B 232 1.81 -15.87 -25.19
C GLY B 232 3.08 -16.02 -24.37
N VAL B 233 3.24 -15.23 -23.30
CA VAL B 233 4.41 -15.31 -22.43
C VAL B 233 4.01 -16.09 -21.19
N PRO B 234 4.54 -17.29 -20.97
CA PRO B 234 4.25 -18.01 -19.72
C PRO B 234 4.94 -17.33 -18.55
N ALA B 235 4.37 -17.55 -17.36
CA ALA B 235 4.86 -16.92 -16.14
C ALA B 235 4.43 -17.74 -14.94
N ASP B 236 5.31 -17.73 -13.92
CA ASP B 236 4.98 -18.36 -12.64
C ASP B 236 4.18 -17.42 -11.75
N VAL B 237 4.40 -16.11 -11.88
CA VAL B 237 3.64 -15.10 -11.15
C VAL B 237 3.40 -13.92 -12.09
N VAL B 238 2.22 -13.31 -12.00
CA VAL B 238 1.92 -12.04 -12.68
C VAL B 238 1.24 -11.12 -11.69
N VAL B 239 1.76 -9.88 -11.55
CA VAL B 239 1.15 -8.82 -10.76
C VAL B 239 0.46 -7.84 -11.71
N VAL B 240 -0.78 -7.47 -11.41
CA VAL B 240 -1.51 -6.45 -12.15
C VAL B 240 -2.09 -5.45 -11.17
N SER B 241 -2.41 -4.27 -11.67
CA SER B 241 -3.06 -3.27 -10.83
C SER B 241 -3.63 -2.10 -11.62
N LYS B 242 -2.79 -1.39 -12.39
CA LYS B 242 -3.31 -0.24 -13.13
C LYS B 242 -4.35 -0.73 -14.13
N GLY B 243 -5.53 -0.12 -14.08
CA GLY B 243 -6.65 -0.54 -14.88
C GLY B 243 -7.57 -1.56 -14.21
N LEU B 244 -7.04 -2.36 -13.28
CA LEU B 244 -7.79 -3.50 -12.73
C LEU B 244 -9.15 -3.06 -12.18
N ALA B 245 -9.20 -1.95 -11.43
CA ALA B 245 -10.46 -1.41 -10.95
C ALA B 245 -10.71 0.01 -11.47
N ASN B 246 -10.13 0.35 -12.62
CA ASN B 246 -10.37 1.61 -13.33
C ASN B 246 -10.11 2.85 -12.48
N GLY B 247 -9.01 2.84 -11.73
CA GLY B 247 -8.63 3.99 -10.91
C GLY B 247 -8.83 3.80 -9.42
N HIS B 248 -9.73 2.92 -9.01
CA HIS B 248 -9.89 2.54 -7.61
C HIS B 248 -8.75 1.61 -7.22
N SER B 249 -8.34 1.69 -5.95
N SER B 249 -8.37 1.67 -5.94
CA SER B 249 -7.08 1.06 -5.54
CA SER B 249 -7.14 1.03 -5.46
C SER B 249 -7.29 -0.44 -5.32
C SER B 249 -7.36 -0.48 -5.33
N LEU B 250 -6.72 -1.25 -6.20
CA LEU B 250 -6.70 -2.70 -6.09
C LEU B 250 -5.50 -3.21 -6.87
N ALA B 251 -4.83 -4.22 -6.33
CA ALA B 251 -3.79 -4.96 -7.05
C ALA B 251 -4.04 -6.44 -6.86
N ALA B 252 -3.58 -7.25 -7.83
CA ALA B 252 -3.75 -8.69 -7.77
C ALA B 252 -2.44 -9.38 -8.10
N VAL B 253 -2.15 -10.44 -7.36
CA VAL B 253 -0.94 -11.23 -7.53
C VAL B 253 -1.41 -12.64 -7.89
N MET B 254 -1.29 -13.00 -9.17
CA MET B 254 -1.75 -14.28 -9.71
C MET B 254 -0.57 -15.20 -9.99
N GLY B 255 -0.73 -16.47 -9.68
CA GLY B 255 0.33 -17.40 -10.04
C GLY B 255 0.08 -18.83 -9.65
N ARG B 256 1.20 -19.56 -9.73
CA ARG B 256 1.27 -20.99 -9.54
C ARG B 256 0.96 -21.31 -8.08
N ARG B 257 0.17 -22.39 -7.85
CA ARG B 257 -0.25 -22.76 -6.49
C ARG B 257 0.91 -22.78 -5.51
N ASP B 258 1.99 -23.49 -5.85
CA ASP B 258 3.06 -23.66 -4.88
C ASP B 258 3.72 -22.33 -4.51
N ILE B 259 3.63 -21.30 -5.34
CA ILE B 259 4.15 -20.00 -4.93
C ILE B 259 3.10 -19.21 -4.15
N ILE B 260 1.86 -19.15 -4.64
CA ILE B 260 0.85 -18.38 -3.90
C ILE B 260 0.55 -19.04 -2.55
N ASP B 261 0.68 -20.37 -2.43
CA ASP B 261 0.37 -21.06 -1.18
C ASP B 261 1.34 -20.71 -0.05
N ALA B 262 2.47 -20.05 -0.37
CA ALA B 262 3.42 -19.63 0.65
C ALA B 262 2.99 -18.36 1.38
N TYR B 263 1.76 -17.88 1.10
CA TYR B 263 1.29 -16.64 1.71
C TYR B 263 1.40 -16.67 3.22
N ASP B 264 0.92 -17.76 3.84
CA ASP B 264 0.84 -17.80 5.31
C ASP B 264 2.21 -17.64 5.95
N VAL B 265 3.20 -18.43 5.49
CA VAL B 265 4.53 -18.38 6.11
C VAL B 265 5.33 -17.17 5.67
N SER B 266 4.92 -16.49 4.60
CA SER B 266 5.64 -15.31 4.12
C SER B 266 5.48 -14.11 5.03
N GLY B 267 4.51 -14.11 5.93
CA GLY B 267 4.25 -12.92 6.73
C GLY B 267 3.55 -11.77 6.01
N ILE B 268 3.12 -11.95 4.76
CA ILE B 268 2.31 -10.92 4.11
C ILE B 268 1.01 -10.70 4.86
N GLN B 269 0.66 -9.45 5.09
CA GLN B 269 -0.74 -9.17 5.41
C GLN B 269 -1.12 -7.78 4.92
N GLY B 270 -2.01 -7.10 5.65
CA GLY B 270 -2.55 -5.80 5.28
C GLY B 270 -4.04 -5.69 5.57
N THR B 271 -4.43 -4.82 6.49
CA THR B 271 -5.84 -4.79 6.91
C THR B 271 -6.79 -4.31 5.82
N TYR B 272 -6.32 -3.63 4.77
CA TYR B 272 -7.22 -3.22 3.68
C TYR B 272 -7.24 -4.20 2.51
N THR B 273 -6.48 -5.31 2.59
CA THR B 273 -6.52 -6.24 1.47
C THR B 273 -7.90 -6.86 1.29
N ARG B 274 -8.71 -6.91 2.37
CA ARG B 274 -10.08 -7.45 2.31
C ARG B 274 -11.11 -6.48 1.73
N GLU B 275 -10.75 -5.23 1.48
CA GLU B 275 -11.71 -4.19 1.07
C GLU B 275 -12.51 -4.64 -0.16
N VAL B 276 -13.83 -4.75 0.00
CA VAL B 276 -14.70 -5.40 -0.98
C VAL B 276 -15.09 -4.51 -2.18
N PRO B 277 -15.46 -3.24 -2.00
CA PRO B 277 -15.93 -2.42 -3.17
C PRO B 277 -14.98 -2.44 -4.35
N PRO B 278 -13.66 -2.32 -4.17
CA PRO B 278 -12.78 -2.36 -5.37
C PRO B 278 -12.84 -3.70 -6.09
N MET B 279 -13.17 -4.79 -5.41
CA MET B 279 -13.29 -6.07 -6.12
C MET B 279 -14.53 -6.10 -7.00
N ALA B 280 -15.61 -5.48 -6.53
CA ALA B 280 -16.78 -5.34 -7.37
C ALA B 280 -16.47 -4.49 -8.59
N ALA B 281 -15.72 -3.40 -8.41
CA ALA B 281 -15.34 -2.56 -9.54
C ALA B 281 -14.53 -3.34 -10.56
N ALA B 282 -13.60 -4.17 -10.08
CA ALA B 282 -12.75 -4.94 -11.00
C ALA B 282 -13.57 -5.89 -11.87
N MET B 283 -14.59 -6.54 -11.28
CA MET B 283 -15.40 -7.44 -12.08
C MET B 283 -16.18 -6.66 -13.14
N ALA B 284 -16.63 -5.44 -12.83
CA ALA B 284 -17.25 -4.63 -13.89
C ALA B 284 -16.25 -4.28 -14.98
N VAL B 285 -14.99 -4.01 -14.59
CA VAL B 285 -13.97 -3.69 -15.59
C VAL B 285 -13.77 -4.87 -16.53
N LEU B 286 -13.56 -6.06 -15.98
CA LEU B 286 -13.40 -7.25 -16.80
C LEU B 286 -14.64 -7.49 -17.67
N ASP B 287 -15.82 -7.14 -17.16
CA ASP B 287 -17.04 -7.26 -17.97
C ASP B 287 -16.97 -6.35 -19.20
N VAL B 288 -16.58 -5.09 -19.01
CA VAL B 288 -16.47 -4.16 -20.14
C VAL B 288 -15.38 -4.63 -21.10
N LEU B 289 -14.19 -4.94 -20.56
CA LEU B 289 -13.06 -5.33 -21.40
C LEU B 289 -13.38 -6.55 -22.25
N ASP B 290 -14.22 -7.46 -21.76
CA ASP B 290 -14.55 -8.68 -22.46
C ASP B 290 -15.83 -8.55 -23.29
N THR B 291 -16.39 -7.37 -23.42
CA THR B 291 -17.50 -7.17 -24.34
C THR B 291 -16.96 -7.10 -25.77
N PRO B 292 -17.48 -7.91 -26.69
CA PRO B 292 -16.95 -7.89 -28.07
C PRO B 292 -16.97 -6.48 -28.66
N GLY B 293 -15.89 -6.13 -29.37
CA GLY B 293 -15.77 -4.83 -29.97
C GLY B 293 -15.09 -3.77 -29.10
N VAL B 294 -15.14 -3.89 -27.77
CA VAL B 294 -14.72 -2.77 -26.93
C VAL B 294 -13.20 -2.59 -26.98
N TYR B 295 -12.44 -3.66 -26.75
CA TYR B 295 -10.97 -3.51 -26.72
C TYR B 295 -10.40 -3.20 -28.11
N GLU B 296 -10.90 -3.88 -29.15
CA GLU B 296 -10.46 -3.62 -30.52
C GLU B 296 -10.69 -2.17 -30.90
N HIS B 297 -11.85 -1.61 -30.53
CA HIS B 297 -12.11 -0.21 -30.85
C HIS B 297 -11.12 0.71 -30.12
N ALA B 298 -10.76 0.37 -28.88
CA ALA B 298 -9.80 1.19 -28.14
C ALA B 298 -8.41 1.15 -28.79
N GLU B 299 -7.99 -0.01 -29.28
CA GLU B 299 -6.71 -0.11 -29.99
C GLU B 299 -6.73 0.70 -31.28
N ALA B 300 -7.84 0.65 -32.02
CA ALA B 300 -7.97 1.46 -33.23
C ALA B 300 -7.80 2.93 -32.92
N MET B 301 -8.32 3.37 -31.77
CA MET B 301 -8.16 4.77 -31.38
C MET B 301 -6.71 5.06 -31.02
N GLY B 302 -6.05 4.12 -30.35
CA GLY B 302 -4.63 4.31 -30.04
C GLY B 302 -3.79 4.40 -31.31
N ARG B 303 -4.09 3.55 -32.31
CA ARG B 303 -3.34 3.60 -33.56
C ARG B 303 -3.62 4.90 -34.31
N ARG B 304 -4.88 5.36 -34.28
CA ARG B 304 -5.21 6.65 -34.88
C ARG B 304 -4.37 7.77 -34.26
N LEU B 305 -4.26 7.78 -32.93
CA LEU B 305 -3.48 8.82 -32.26
C LEU B 305 -2.00 8.69 -32.61
N ALA B 306 -1.44 7.49 -32.45
CA ALA B 306 -0.01 7.29 -32.69
C ALA B 306 0.34 7.64 -34.14
N ASP B 307 -0.42 7.11 -35.11
CA ASP B 307 -0.14 7.41 -36.51
C ASP B 307 -0.20 8.91 -36.78
N GLY B 308 -1.19 9.59 -36.19
CA GLY B 308 -1.30 11.02 -36.41
C GLY B 308 -0.13 11.78 -35.82
N MET B 309 0.33 11.36 -34.63
CA MET B 309 1.51 11.98 -34.03
C MET B 309 2.77 11.74 -34.86
N ARG B 310 2.97 10.50 -35.34
CA ARG B 310 4.09 10.23 -36.23
C ARG B 310 4.05 11.12 -37.47
N GLU B 311 2.86 11.28 -38.07
CA GLU B 311 2.73 12.10 -39.27
C GLU B 311 3.07 13.56 -39.00
N ILE B 312 2.61 14.09 -37.86
CA ILE B 312 2.87 15.48 -37.52
C ILE B 312 4.37 15.73 -37.37
N LEU B 313 5.06 14.85 -36.62
CA LEU B 313 6.49 15.05 -36.36
C LEU B 313 7.31 14.87 -37.63
N THR B 314 7.07 13.78 -38.37
CA THR B 314 7.80 13.55 -39.61
C THR B 314 7.55 14.67 -40.61
N GLY B 315 6.31 15.15 -40.71
CA GLY B 315 6.00 16.22 -41.65
C GLY B 315 6.63 17.55 -41.30
N GLU B 316 6.88 17.80 -40.02
CA GLU B 316 7.58 18.99 -39.57
C GLU B 316 9.09 18.82 -39.56
N GLY B 317 9.60 17.64 -39.93
CA GLY B 317 11.03 17.42 -40.02
C GLY B 317 11.68 16.93 -38.74
N ILE B 318 10.90 16.64 -37.70
CA ILE B 318 11.45 16.21 -36.41
C ILE B 318 11.77 14.72 -36.45
N PRO B 319 13.03 14.33 -36.30
CA PRO B 319 13.34 12.90 -36.20
C PRO B 319 12.64 12.28 -35.00
N ASN B 320 12.07 11.10 -35.20
CA ASN B 320 11.16 10.56 -34.18
C ASN B 320 11.03 9.05 -34.33
N TRP B 321 10.57 8.43 -33.26
CA TRP B 321 10.28 7.00 -33.25
C TRP B 321 9.01 6.80 -32.43
N VAL B 322 7.95 6.33 -33.08
CA VAL B 322 6.67 6.13 -32.42
C VAL B 322 6.35 4.64 -32.49
N GLY B 323 6.27 4.00 -31.33
CA GLY B 323 6.17 2.56 -31.35
C GLY B 323 5.63 2.02 -30.04
N GLY B 324 5.45 0.69 -30.01
CA GLY B 324 4.87 0.01 -28.89
C GLY B 324 3.40 -0.29 -29.09
N PRO B 325 2.77 -0.91 -28.08
CA PRO B 325 1.35 -1.26 -28.19
C PRO B 325 0.46 -0.03 -28.29
N ALA B 326 -0.71 -0.20 -28.92
CA ALA B 326 -1.60 0.93 -29.21
C ALA B 326 -2.07 1.63 -27.93
N LEU B 327 -2.31 0.87 -26.86
CA LEU B 327 -2.78 1.45 -25.60
C LEU B 327 -1.64 1.83 -24.66
N MET B 328 -0.39 1.79 -25.12
CA MET B 328 0.73 2.34 -24.35
C MET B 328 1.92 2.59 -25.27
N PHE B 329 1.78 3.49 -26.23
CA PHE B 329 2.86 3.72 -27.20
C PHE B 329 3.71 4.90 -26.76
N ASP B 330 4.99 4.85 -27.17
CA ASP B 330 5.99 5.86 -26.83
C ASP B 330 6.35 6.68 -28.05
N THR B 331 6.68 7.95 -27.82
CA THR B 331 7.22 8.85 -28.83
C THR B 331 8.62 9.29 -28.41
N VAL B 332 9.65 8.78 -29.09
CA VAL B 332 11.03 9.10 -28.75
C VAL B 332 11.55 10.18 -29.71
N LEU B 333 12.20 11.20 -29.16
CA LEU B 333 12.65 12.36 -29.90
C LEU B 333 14.17 12.49 -29.74
N PRO B 334 14.84 13.37 -30.50
CA PRO B 334 16.31 13.42 -30.42
C PRO B 334 16.87 13.85 -29.08
N ASN B 335 16.09 14.52 -28.24
CA ASN B 335 16.57 14.93 -26.92
C ASN B 335 15.41 14.90 -25.94
N ASP B 336 15.73 15.05 -24.65
CA ASP B 336 14.76 14.93 -23.57
C ASP B 336 13.99 16.21 -23.26
N ASP B 337 14.37 17.35 -23.83
CA ASP B 337 13.62 18.58 -23.57
C ASP B 337 12.49 18.81 -24.57
N LEU B 338 12.65 18.33 -25.81
CA LEU B 338 11.68 18.65 -26.85
C LEU B 338 10.30 18.08 -26.53
N GLY B 339 10.25 16.80 -26.18
CA GLY B 339 8.96 16.20 -25.84
C GLY B 339 8.23 16.99 -24.77
N TRP B 340 8.90 17.25 -23.65
CA TRP B 340 8.24 17.94 -22.55
C TRP B 340 7.72 19.32 -22.97
N GLU B 341 8.50 20.05 -23.77
CA GLU B 341 8.06 21.37 -24.22
C GLU B 341 6.81 21.27 -25.09
N ILE B 342 6.77 20.28 -25.99
CA ILE B 342 5.58 20.12 -26.82
C ILE B 342 4.37 19.75 -25.97
N TYR B 343 4.52 18.79 -25.06
CA TYR B 343 3.38 18.34 -24.26
C TYR B 343 2.88 19.47 -23.36
N LYS B 344 3.79 20.22 -22.75
CA LYS B 344 3.41 21.36 -21.95
C LYS B 344 2.60 22.36 -22.77
N THR B 345 3.11 22.73 -23.95
CA THR B 345 2.43 23.69 -24.80
C THR B 345 1.06 23.17 -25.24
N ALA B 346 0.96 21.87 -25.51
CA ALA B 346 -0.31 21.31 -25.94
C ALA B 346 -1.40 21.49 -24.89
N HIS B 347 -1.02 21.58 -23.60
CA HIS B 347 -2.01 21.88 -22.56
C HIS B 347 -2.70 23.21 -22.82
N ASP B 348 -2.02 24.16 -23.46
CA ASP B 348 -2.66 25.42 -23.81
C ASP B 348 -3.78 25.22 -24.83
N PHE B 349 -3.77 24.11 -25.57
CA PHE B 349 -4.74 23.88 -26.63
C PHE B 349 -5.76 22.83 -26.25
N GLY B 350 -5.99 22.60 -24.96
CA GLY B 350 -7.08 21.77 -24.50
C GLY B 350 -6.86 20.28 -24.41
N VAL B 351 -5.63 19.81 -24.24
N VAL B 351 -5.63 19.83 -24.21
CA VAL B 351 -5.34 18.37 -24.14
CA VAL B 351 -5.32 18.41 -24.10
C VAL B 351 -4.24 18.13 -23.12
C VAL B 351 -4.28 18.21 -23.01
N TYR B 352 -4.46 17.16 -22.20
CA TYR B 352 -3.39 16.67 -21.30
C TYR B 352 -2.70 15.48 -21.93
N PHE B 353 -1.59 15.74 -22.60
CA PHE B 353 -0.69 14.65 -22.98
C PHE B 353 0.06 14.16 -21.76
N GLU B 354 0.42 12.88 -21.78
CA GLU B 354 1.32 12.37 -20.76
C GLU B 354 2.73 12.87 -21.07
N ASP B 355 3.30 13.69 -20.19
CA ASP B 355 4.55 14.36 -20.55
C ASP B 355 5.76 13.45 -20.46
N SER B 356 5.63 12.23 -19.92
CA SER B 356 6.71 11.27 -20.00
C SER B 356 6.92 10.70 -21.40
N GLY B 357 5.97 10.88 -22.33
CA GLY B 357 6.13 10.39 -23.69
C GLY B 357 5.30 9.17 -24.04
N THR B 358 4.64 8.53 -23.06
CA THR B 358 3.78 7.37 -23.29
C THR B 358 2.31 7.81 -23.20
N GLN B 359 1.60 7.77 -24.33
CA GLN B 359 0.20 8.21 -24.34
C GLN B 359 -0.74 7.03 -24.08
N LEU B 360 -1.82 7.28 -23.36
CA LEU B 360 -2.70 6.22 -22.86
C LEU B 360 -4.16 6.53 -23.17
N VAL B 361 -4.64 6.10 -24.34
CA VAL B 361 -6.07 6.20 -24.60
C VAL B 361 -6.83 5.23 -23.69
N THR B 362 -8.10 5.53 -23.46
CA THR B 362 -9.01 4.65 -22.74
C THR B 362 -10.10 4.14 -23.69
N THR B 363 -10.89 3.17 -23.22
CA THR B 363 -11.93 2.60 -24.09
C THR B 363 -13.04 3.60 -24.41
N ALA B 364 -13.13 4.72 -23.67
CA ALA B 364 -14.14 5.73 -23.95
C ALA B 364 -13.78 6.66 -25.11
N PHE B 365 -12.58 6.55 -25.67
CA PHE B 365 -12.17 7.47 -26.72
C PHE B 365 -12.97 7.25 -28.00
N ASP B 366 -13.33 8.34 -28.67
CA ASP B 366 -13.87 8.30 -30.03
C ASP B 366 -12.94 9.08 -30.96
N GLU B 367 -13.26 9.07 -32.25
CA GLU B 367 -12.41 9.75 -33.23
C GLU B 367 -12.29 11.24 -32.92
N ALA B 368 -13.41 11.87 -32.51
CA ALA B 368 -13.37 13.30 -32.19
C ALA B 368 -12.34 13.58 -31.09
N ALA B 369 -12.35 12.78 -30.02
CA ALA B 369 -11.38 12.97 -28.95
C ALA B 369 -9.94 12.79 -29.46
N VAL B 370 -9.70 11.78 -30.29
CA VAL B 370 -8.36 11.58 -30.83
C VAL B 370 -7.94 12.77 -31.69
N ASP B 371 -8.86 13.24 -32.54
CA ASP B 371 -8.51 14.30 -33.48
C ASP B 371 -8.33 15.64 -32.78
N HIS B 372 -9.06 15.85 -31.68
CA HIS B 372 -8.81 17.03 -30.86
C HIS B 372 -7.40 17.00 -30.29
N ALA B 373 -6.98 15.84 -29.78
CA ALA B 373 -5.60 15.72 -29.30
C ALA B 373 -4.61 16.00 -30.43
N LEU B 374 -4.90 15.48 -31.63
CA LEU B 374 -3.99 15.67 -32.76
C LEU B 374 -3.93 17.12 -33.20
N THR B 375 -5.06 17.82 -33.17
CA THR B 375 -5.05 19.23 -33.51
C THR B 375 -4.14 20.00 -32.55
N ALA B 376 -4.28 19.73 -31.25
CA ALA B 376 -3.46 20.42 -30.29
C ALA B 376 -1.99 20.05 -30.44
N PHE B 377 -1.70 18.77 -30.74
CA PHE B 377 -0.32 18.33 -30.89
C PHE B 377 0.35 19.02 -32.08
N ARG B 378 -0.36 19.14 -33.19
CA ARG B 378 0.18 19.87 -34.33
C ARG B 378 0.51 21.32 -33.96
N LYS B 379 -0.42 21.99 -33.30
CA LYS B 379 -0.19 23.41 -32.99
C LYS B 379 0.97 23.58 -32.02
N ALA B 380 1.05 22.67 -31.05
CA ALA B 380 2.10 22.77 -30.05
C ALA B 380 3.48 22.45 -30.65
N THR B 381 3.54 21.42 -31.50
CA THR B 381 4.80 21.08 -32.15
C THR B 381 5.30 22.24 -32.99
N ARG B 382 4.40 22.85 -33.78
CA ARG B 382 4.82 23.95 -34.63
C ARG B 382 5.22 25.18 -33.82
N GLN B 383 4.58 25.40 -32.67
CA GLN B 383 4.97 26.53 -31.82
C GLN B 383 6.36 26.30 -31.21
N VAL B 384 6.61 25.11 -30.71
CA VAL B 384 7.92 24.78 -30.14
C VAL B 384 9.02 24.89 -31.19
N ILE B 385 8.72 24.51 -32.43
CA ILE B 385 9.72 24.61 -33.49
C ILE B 385 10.07 26.07 -33.74
N ALA B 386 9.06 26.94 -33.82
CA ALA B 386 9.31 28.36 -34.05
C ALA B 386 10.01 29.02 -32.87
N ASP B 387 9.65 28.63 -31.64
CA ASP B 387 10.14 29.31 -30.44
C ASP B 387 11.44 28.75 -29.90
N ARG B 388 11.68 27.44 -30.06
CA ARG B 388 12.83 26.76 -29.44
C ARG B 388 13.63 25.97 -30.48
N PRO B 389 14.15 26.64 -31.51
CA PRO B 389 14.93 25.90 -32.51
C PRO B 389 16.17 25.24 -31.94
N ASP B 390 16.62 25.64 -30.74
CA ASP B 390 17.78 25.02 -30.13
C ASP B 390 17.53 23.58 -29.70
N ILE B 391 16.27 23.19 -29.45
CA ILE B 391 15.96 21.82 -29.08
C ILE B 391 15.03 21.15 -30.08
N ALA B 392 14.71 21.81 -31.19
CA ALA B 392 13.73 21.31 -32.16
C ALA B 392 14.37 21.19 -33.54
N PRO B 393 15.25 20.20 -33.74
CA PRO B 393 15.82 19.99 -35.08
C PRO B 393 14.73 19.59 -36.06
N THR B 394 14.81 20.15 -37.27
CA THR B 394 13.83 19.91 -38.31
C THR B 394 14.50 19.42 -39.59
N SER B 395 15.64 18.76 -39.47
CA SER B 395 16.38 18.29 -40.65
C SER B 395 16.05 16.86 -41.02
N GLY B 396 14.98 16.29 -40.47
CA GLY B 396 14.51 14.98 -40.88
C GLY B 396 15.42 13.86 -40.42
N GLY B 397 15.31 12.72 -41.12
CA GLY B 397 16.11 11.56 -40.79
C GLY B 397 15.52 10.73 -39.65
N GLU B 398 16.38 9.89 -39.08
CA GLU B 398 16.03 8.92 -38.05
C GLU B 398 16.77 9.30 -36.78
N LEU B 399 16.31 8.77 -35.64
CA LEU B 399 17.10 8.86 -34.42
C LEU B 399 18.40 8.08 -34.59
N THR B 400 19.49 8.59 -34.02
CA THR B 400 20.74 7.87 -34.12
C THR B 400 20.71 6.64 -33.19
N GLU B 401 21.58 5.68 -33.50
CA GLU B 401 21.68 4.52 -32.63
C GLU B 401 22.15 4.92 -31.25
N GLU B 402 23.07 5.88 -31.18
CA GLU B 402 23.53 6.38 -29.88
CA GLU B 402 23.53 6.38 -29.87
C GLU B 402 22.36 6.89 -29.05
N ARG B 403 21.48 7.68 -29.66
CA ARG B 403 20.33 8.23 -28.94
C ARG B 403 19.40 7.12 -28.44
N LYS B 404 19.14 6.12 -29.30
CA LYS B 404 18.28 5.03 -28.88
C LYS B 404 18.91 4.24 -27.75
N LEU B 405 20.21 3.93 -27.86
CA LEU B 405 20.89 3.20 -26.79
C LEU B 405 20.90 3.98 -25.48
N ASP B 406 21.22 5.28 -25.54
CA ASP B 406 21.25 6.10 -24.33
C ASP B 406 19.86 6.20 -23.71
N PHE B 407 18.82 6.34 -24.55
CA PHE B 407 17.47 6.49 -24.02
C PHE B 407 17.05 5.27 -23.22
N ALA B 408 17.33 4.07 -23.75
CA ALA B 408 16.99 2.85 -23.01
C ALA B 408 17.65 2.85 -21.64
N GLU B 409 18.89 3.33 -21.55
CA GLU B 409 19.55 3.37 -20.25
C GLU B 409 18.91 4.42 -19.34
N GLU B 410 18.59 5.60 -19.89
CA GLU B 410 18.02 6.68 -19.09
C GLU B 410 16.60 6.36 -18.61
N ALA B 411 15.79 5.77 -19.47
CA ALA B 411 14.36 5.68 -19.21
C ALA B 411 13.98 4.46 -18.38
N PHE B 412 14.67 3.31 -18.57
CA PHE B 412 14.32 2.13 -17.78
C PHE B 412 15.55 1.31 -17.38
N GLY B 413 16.74 1.92 -17.37
CA GLY B 413 17.93 1.19 -16.96
C GLY B 413 18.32 0.04 -17.87
N GLY B 414 17.87 0.04 -19.11
CA GLY B 414 18.23 -1.02 -20.03
C GLY B 414 19.67 -0.87 -20.52
N LEU B 415 20.51 -1.88 -20.27
CA LEU B 415 21.89 -1.90 -20.76
C LEU B 415 21.92 -2.81 -21.99
N LEU B 416 21.74 -2.20 -23.17
CA LEU B 416 21.60 -2.95 -24.42
C LEU B 416 22.86 -2.94 -25.27
N ARG B 417 23.93 -2.28 -24.83
CA ARG B 417 25.17 -2.23 -25.60
C ARG B 417 25.99 -3.49 -25.37
N ASP B 418 26.57 -3.99 -26.45
CA ASP B 418 27.52 -5.10 -26.37
C ASP B 418 28.96 -4.58 -26.40
N ASP B 419 29.31 -3.63 -25.53
CA ASP B 419 30.65 -3.06 -25.53
C ASP B 419 31.45 -3.58 -24.33
N GLU B 420 32.67 -3.06 -24.19
CA GLU B 420 33.57 -3.50 -23.13
C GLU B 420 33.06 -3.09 -21.76
N ARG B 421 32.56 -1.86 -21.66
CA ARG B 421 32.13 -1.31 -20.38
C ARG B 421 30.87 -2.01 -19.87
N THR B 422 30.01 -2.51 -20.76
CA THR B 422 28.85 -3.28 -20.31
C THR B 422 29.27 -4.67 -19.84
N ASN B 423 30.13 -5.34 -20.61
CA ASN B 423 30.52 -6.70 -20.26
C ASN B 423 31.33 -6.72 -18.96
N ALA B 424 32.12 -5.69 -18.71
CA ALA B 424 32.86 -5.59 -17.45
C ALA B 424 31.89 -5.46 -16.27
N LEU B 425 30.88 -4.61 -16.40
CA LEU B 425 29.83 -4.52 -15.39
C LEU B 425 29.19 -5.86 -15.08
N ILE B 426 28.91 -6.64 -16.13
CA ILE B 426 28.30 -7.96 -15.94
C ILE B 426 29.23 -8.85 -15.12
N ASP B 427 30.50 -8.89 -15.50
CA ASP B 427 31.45 -9.72 -14.78
C ASP B 427 31.69 -9.20 -13.37
N GLU B 428 31.79 -7.86 -13.22
CA GLU B 428 31.99 -7.28 -11.90
C GLU B 428 30.84 -7.62 -10.96
N THR B 429 29.61 -7.58 -11.47
CA THR B 429 28.45 -7.84 -10.61
C THR B 429 28.42 -9.31 -10.20
N ILE B 430 28.69 -10.22 -11.13
CA ILE B 430 28.68 -11.65 -10.81
C ILE B 430 29.76 -11.96 -9.75
N GLU B 431 30.97 -11.44 -9.95
CA GLU B 431 32.04 -11.64 -8.98
C GLU B 431 31.65 -11.13 -7.59
N LYS B 432 30.98 -9.97 -7.53
CA LYS B 432 30.59 -9.44 -6.22
C LYS B 432 29.55 -10.34 -5.55
N VAL B 433 28.66 -10.94 -6.33
CA VAL B 433 27.69 -11.88 -5.74
C VAL B 433 28.41 -13.14 -5.25
N VAL B 434 29.21 -13.75 -6.12
CA VAL B 434 29.81 -15.05 -5.82
C VAL B 434 30.79 -14.96 -4.66
N ASN B 435 31.56 -13.88 -4.58
CA ASN B 435 32.64 -13.76 -3.61
C ASN B 435 32.26 -12.95 -2.39
N ARG B 436 30.96 -12.78 -2.14
CA ARG B 436 30.49 -11.90 -1.09
C ARG B 436 30.69 -12.53 0.29
N ASP B 437 30.62 -11.68 1.31
CA ASP B 437 30.59 -12.10 2.70
C ASP B 437 29.17 -12.58 3.00
N ARG B 438 28.99 -13.90 3.01
CA ARG B 438 27.64 -14.46 3.09
C ARG B 438 27.03 -14.40 4.48
N SER B 439 27.77 -13.90 5.47
CA SER B 439 27.16 -13.57 6.75
C SER B 439 26.29 -12.31 6.67
N ILE B 440 26.46 -11.46 5.67
CA ILE B 440 25.65 -10.25 5.49
C ILE B 440 24.48 -10.60 4.57
N LYS B 441 23.25 -10.51 5.10
CA LYS B 441 22.11 -10.86 4.26
C LYS B 441 20.87 -10.13 4.72
N PRO B 442 19.91 -9.89 3.83
CA PRO B 442 18.69 -9.18 4.20
C PRO B 442 17.86 -9.99 5.19
N VAL B 443 16.83 -9.33 5.73
CA VAL B 443 15.83 -10.04 6.52
C VAL B 443 15.01 -10.93 5.61
N LEU B 444 14.93 -12.21 5.94
CA LEU B 444 14.21 -13.19 5.14
C LEU B 444 13.13 -13.86 5.98
N ILE B 445 11.90 -13.90 5.47
CA ILE B 445 10.77 -14.48 6.19
C ILE B 445 10.17 -15.62 5.36
N PRO B 446 10.19 -16.87 5.85
CA PRO B 446 10.84 -17.30 7.09
C PRO B 446 12.37 -17.21 6.97
N ALA B 447 13.09 -17.26 8.09
CA ALA B 447 14.55 -17.25 8.04
C ALA B 447 15.06 -18.38 7.15
N GLN B 448 16.12 -18.10 6.40
CA GLN B 448 16.74 -19.10 5.53
C GLN B 448 18.05 -19.52 6.17
N ASN B 449 18.08 -20.75 6.70
CA ASN B 449 19.21 -21.22 7.50
C ASN B 449 19.93 -22.39 6.82
#